data_8VX6
#
_entry.id   8VX6
#
_cell.length_a   1.00
_cell.length_b   1.00
_cell.length_c   1.00
_cell.angle_alpha   90.00
_cell.angle_beta   90.00
_cell.angle_gamma   90.00
#
_symmetry.space_group_name_H-M   'P 1'
#
loop_
_entity.id
_entity.type
_entity.pdbx_description
1 polymer 'DNA (167-MER)'
2 polymer 'DNA (167-MER)'
3 polymer 'Histone H3.2'
4 polymer 'Histone H4'
5 polymer 'Histone H2A'
6 polymer 'Histone H2B 1.1'
7 polymer 'N-glycosylase/DNA lyase'
#
loop_
_entity_poly.entity_id
_entity_poly.type
_entity_poly.pdbx_seq_one_letter_code
_entity_poly.pdbx_strand_id
1 'polydeoxyribonucleotide'
;(DA)(DT)(DC)(DG)(DG)(DC)(DC)(DG)(DC)(DC)(DC)(DT)(DG)(DG)(DA)(DG)(DA)(DA)(DT)(DC)
(DC)(DC)(DG)(DG)(DT)(DG)(DC)(DC)(DG)(DA)(DG)(DG)(DC)(DC)(8OG)(DC)(DT)(DC)(DA)
(DA)(DT)(DT)(DG)(DG)(DT)(DC)(DG)(DT)(DA)(DG)(DA)(DC)(DA)(DG)(DC)(DT)(DC)(DT)(DA)
(DG)(DC)(DA)(DC)(DC)(DG)(DC)(DT)(DT)(DA)(DA)(DA)(DC)(DG)(DC)(DA)(DC)(DG)(DT)(DA)
(DC)(DG)(DC)(DG)(DC)(DT)(DG)(DT)(DC)(DC)(DC)(DC)(DC)(DG)(DC)(DG)(DT)(DT)(DT)(DT)
(DA)(DA)(DC)(DC)(DG)(DC)(DC)(DA)(DA)(DG)(DG)(DG)(DG)(DA)(DT)(DT)(DA)(DC)(DT)(DC)
(DC)(DC)(DT)(DA)(DG)(DT)(DC)(DT)(DC)(DC)(DA)(DG)(DG)(DC)(DA)(DC)(DG)(DT)(DG)(DT)
(DC)(DA)(DG)(DA)(DT)(DA)(DT)(DA)(DT)(DA)(DC)(DA)(DT)(DC)(DC)(DT)(DG)(DT)(DG)(DG)
(DC)(DG)(DG)(DC)(DC)(DG)(DA)(DT)
;
J
2 'polydeoxyribonucleotide'
;(DA)(DT)(DC)(DG)(DG)(DC)(DC)(DG)(DC)(DC)(DA)(DC)(DA)(DG)(DG)(DA)(DT)(DG)(DT)(DA)
(DT)(DA)(DT)(DA)(DT)(DC)(DT)(DG)(DA)(DC)(DA)(DC)(DG)(DT)(DG)(DC)(DC)(DT)(DG)(DG)
(DA)(DG)(DA)(DC)(DT)(DA)(DG)(DG)(DG)(DA)(DG)(DT)(DA)(DA)(DT)(DC)(DC)(DC)(DC)(DT)
(DT)(DG)(DG)(DC)(DG)(DG)(DT)(DT)(DA)(DA)(DA)(DA)(DC)(DG)(DC)(DG)(DG)(DG)(DG)(DG)
(DA)(DC)(DA)(DG)(DC)(DG)(DC)(DG)(DT)(DA)(DC)(DG)(DT)(DG)(DC)(DG)(DT)(DT)(DT)(DA)
(DA)(DG)(DC)(DG)(DG)(DT)(DG)(DC)(DT)(DA)(DG)(DA)(DG)(DC)(DT)(DG)(DT)(DC)(DT)(DA)
(DC)(DG)(DA)(DC)(DC)(DA)(DA)(DT)(DT)(DG)(DA)(DG)(DC)(DG)(DG)(DC)(DC)(DT)(DC)(DG)
(DG)(DC)(DA)(DC)(DC)(DG)(DG)(DG)(DA)(DT)(DT)(DC)(DT)(DC)(DC)(DA)(DG)(DG)(DG)(DC)
(DG)(DG)(DC)(DC)(DG)(DA)(DT)
;
I
3 'polypeptide(L)'
;MARTKQTARKSTGGKAPRKQLATKAARKSAPATGGVKKPHRYRPGTVALREIRRYQKSTELLIRKLPFQRLVREIAQDFK
TDLRFQSSAVMALQEASEAYLVALFEDTNLCAIHAKRVTIMPKDIQLARRIRGERA
;
A,E
4 'polypeptide(L)'
;MSGRGKGGKGLGKGGAKRHRKVLRDNIQGITKPAIRRLARRGGVKRISGLIYEETRGVLKVFLENVIRDAVTYTEHAKRK
TVTAMDVVYALKRQGRTLYGFGGSSGLVPRGSLEHHHHHH
;
B,F
5 'polypeptide(L)'
;MKETAAAKFERQHMDSPDLHHHHHHGTLVPRGSMGMSGRGKQGGKTRAKAKTRSSRAGLQFPVGRVHRLLRKGNYAERVG
AGAPVYLAAVLEYLTAEILELAGNAARDNKKTRIIPRHLQLAVRNDEELNKLLGRVTIAQGGVLPNIQSVLLPKKTESSK
SAKSK
;
C,G
6 'polypeptide(L)'
;MAKSAPAPKKGSKKAVTKTQKKDGKKRRKTRKESYAIYVYKVLKQVHPDTGISSKAMSIMNSFVNDVFERIAGEASRLAH
YNKRSTITSREIQTAVRLLLPGELAKHAVSEGTKAVTKYTSAK
;
D,H
7 'polypeptide(L)'
;MGHHHHHHDYKDHDGDYKDHDIDYKDDDDKENLYFQGGGGGSDPARALLPRRMGHRTLASTPALWASIPCPRSELRLDLV
LPSGQSFRWREQSPAHWSGVLADQVWTLTQTEEQLHCTVYRGDKSQASRPTPDELEAVRKYFQLDVTLAQLYHHWGSVDS
HFQEVAQKFQGVRLLRQDPIECLFSFICSSNNNIARITGMVERLCQAFGPRLIQLDDVTYHGFPSLQALAGPEVEAHLRK
LGLGYRARYVSASARAILEEQGGLAWLQQLRESSYEEAHKALCILPGVGTQVADCICLMALDKPQAVPVDVHMWHIAQRD
YSWHPTTSQAKGPSPQTNKELGNFFRSLWGPYAGWAQAVLFSADLRQSRHAQEPPAKRRKGSKGPEG
;
K
#
loop_
_chem_comp.id
_chem_comp.type
_chem_comp.name
_chem_comp.formula
8OG DNA linking 8-OXO-2'-DEOXY-GUANOSINE-5'-MONOPHOSPHATE 'C10 H14 N5 O8 P'
DA DNA linking 2'-DEOXYADENOSINE-5'-MONOPHOSPHATE 'C10 H14 N5 O6 P'
DC DNA linking 2'-DEOXYCYTIDINE-5'-MONOPHOSPHATE 'C9 H14 N3 O7 P'
DG DNA linking 2'-DEOXYGUANOSINE-5'-MONOPHOSPHATE 'C10 H14 N5 O7 P'
DT DNA linking THYMIDINE-5'-MONOPHOSPHATE 'C10 H15 N2 O8 P'
#
# COMPACT_ATOMS: atom_id res chain seq x y z
P 8OG A 35 -27.61 49.35 -4.26
OP1 8OG A 35 -27.08 50.61 -4.84
OP2 8OG A 35 -28.46 49.42 -2.99
O5' 8OG A 35 -28.87 48.86 -5.43
C5' 8OG A 35 -28.59 49.31 -6.64
C4' 8OG A 35 -28.80 48.23 -7.70
O4' 8OG A 35 -28.14 47.03 -7.29
C3' 8OG A 35 -30.32 47.85 -7.93
O3' 8OG A 35 -30.77 48.26 -9.18
C2' 8OG A 35 -30.34 46.35 -7.73
C1' 8OG A 35 -28.87 45.94 -7.72
N9 8OG A 35 -28.70 44.87 -6.80
C8 8OG A 35 -28.82 45.05 -5.38
N7 8OG A 35 -28.57 43.80 -4.76
C5 8OG A 35 -28.32 42.89 -5.78
C6 8OG A 35 -28.03 41.52 -5.66
O6 8OG A 35 -27.92 40.80 -4.67
N1 8OG A 35 -27.83 40.90 -6.95
C2 8OG A 35 -27.93 41.64 -8.12
N2 8OG A 35 -27.72 40.97 -9.30
N3 8OG A 35 -28.20 42.96 -8.24
C4 8OG A 35 -28.40 43.56 -7.00
O8 8OG A 35 -29.07 46.09 -4.78
N LYS C 38 37.72 13.80 -1.22
CA LYS C 38 36.74 12.79 -1.59
C LYS C 38 35.34 13.40 -1.71
N PRO C 39 34.79 13.36 -2.92
CA PRO C 39 33.45 13.92 -3.13
C PRO C 39 32.39 13.17 -2.33
N HIS C 40 31.35 13.90 -1.93
CA HIS C 40 30.26 13.33 -1.14
C HIS C 40 29.19 12.76 -2.07
N ARG C 41 29.03 11.44 -2.06
CA ARG C 41 28.05 10.76 -2.88
C ARG C 41 27.07 10.01 -1.99
N TYR C 42 25.78 10.21 -2.23
CA TYR C 42 24.77 9.46 -1.52
C TYR C 42 24.69 8.04 -2.06
N ARG C 43 24.42 7.08 -1.18
CA ARG C 43 24.32 5.69 -1.59
C ARG C 43 23.09 5.50 -2.49
N PRO C 44 23.13 4.53 -3.39
CA PRO C 44 22.00 4.33 -4.31
C PRO C 44 20.71 3.97 -3.59
N GLY C 45 19.73 4.86 -3.65
CA GLY C 45 18.44 4.59 -3.04
C GLY C 45 17.89 5.71 -2.20
N THR C 46 18.77 6.45 -1.51
CA THR C 46 18.29 7.50 -0.62
C THR C 46 17.72 8.68 -1.40
N VAL C 47 18.35 9.04 -2.53
CA VAL C 47 17.82 10.10 -3.36
C VAL C 47 16.47 9.69 -3.94
N ALA C 48 16.31 8.42 -4.27
CA ALA C 48 15.02 7.92 -4.75
C ALA C 48 13.94 8.10 -3.70
N LEU C 49 14.25 7.77 -2.44
CA LEU C 49 13.28 7.93 -1.38
C LEU C 49 12.95 9.41 -1.15
N ARG C 50 13.97 10.27 -1.24
CA ARG C 50 13.71 11.71 -1.11
C ARG C 50 12.79 12.18 -2.23
N GLU C 51 13.01 11.70 -3.45
CA GLU C 51 12.13 12.07 -4.55
C GLU C 51 10.71 11.57 -4.32
N ILE C 52 10.58 10.35 -3.79
CA ILE C 52 9.25 9.81 -3.51
C ILE C 52 8.53 10.71 -2.51
N ARG C 53 9.23 11.09 -1.42
CA ARG C 53 8.61 11.93 -0.41
C ARG C 53 8.24 13.29 -0.99
N ARG C 54 9.13 13.90 -1.76
CA ARG C 54 8.86 15.21 -2.32
C ARG C 54 7.67 15.19 -3.26
N TYR C 55 7.59 14.17 -4.12
CA TYR C 55 6.52 14.14 -5.11
C TYR C 55 5.19 13.71 -4.50
N GLN C 56 5.21 12.86 -3.48
CA GLN C 56 3.96 12.52 -2.80
C GLN C 56 3.49 13.64 -1.89
N LYS C 57 4.37 14.52 -1.45
CA LYS C 57 3.96 15.69 -0.69
C LYS C 57 3.36 16.77 -1.57
N SER C 58 3.64 16.76 -2.87
CA SER C 58 3.22 17.81 -3.78
C SER C 58 1.96 17.41 -4.55
N THR C 59 1.41 18.38 -5.27
CA THR C 59 0.20 18.17 -6.06
C THR C 59 0.32 18.65 -7.50
N GLU C 60 1.45 19.21 -7.91
CA GLU C 60 1.55 19.79 -9.24
C GLU C 60 1.65 18.70 -10.29
N LEU C 61 1.36 19.08 -11.54
CA LEU C 61 1.47 18.17 -12.66
C LEU C 61 2.94 17.85 -12.92
N LEU C 62 3.19 16.62 -13.34
CA LEU C 62 4.55 16.13 -13.53
C LEU C 62 5.00 16.12 -14.98
N ILE C 63 4.09 15.95 -15.93
CA ILE C 63 4.42 15.99 -17.34
C ILE C 63 4.33 17.43 -17.82
N ARG C 64 5.27 17.82 -18.68
CA ARG C 64 5.30 19.17 -19.20
C ARG C 64 4.06 19.46 -20.04
N LYS C 65 3.61 20.71 -19.99
CA LYS C 65 2.34 21.07 -20.62
C LYS C 65 2.39 20.96 -22.13
N LEU C 66 3.40 21.57 -22.76
CA LEU C 66 3.43 21.63 -24.22
C LEU C 66 3.60 20.26 -24.86
N PRO C 67 4.51 19.38 -24.41
CA PRO C 67 4.57 18.04 -25.02
C PRO C 67 3.27 17.28 -24.91
N PHE C 68 2.58 17.36 -23.77
CA PHE C 68 1.31 16.66 -23.63
C PHE C 68 0.25 17.26 -24.54
N GLN C 69 0.24 18.58 -24.68
CA GLN C 69 -0.71 19.22 -25.58
C GLN C 69 -0.47 18.79 -27.03
N ARG C 70 0.80 18.73 -27.43
CA ARG C 70 1.13 18.28 -28.78
C ARG C 70 0.72 16.82 -28.98
N LEU C 71 0.94 15.98 -27.98
CA LEU C 71 0.51 14.58 -28.08
C LEU C 71 -0.99 14.47 -28.22
N VAL C 72 -1.75 15.25 -27.44
CA VAL C 72 -3.20 15.23 -27.52
C VAL C 72 -3.66 15.64 -28.92
N ARG C 73 -3.07 16.70 -29.45
CA ARG C 73 -3.47 17.16 -30.78
C ARG C 73 -3.13 16.13 -31.85
N GLU C 74 -1.95 15.51 -31.75
CA GLU C 74 -1.58 14.48 -32.72
C GLU C 74 -2.54 13.30 -32.67
N ILE C 75 -2.93 12.88 -31.46
CA ILE C 75 -3.86 11.77 -31.35
C ILE C 75 -5.23 12.14 -31.90
N ALA C 76 -5.69 13.37 -31.60
CA ALA C 76 -7.00 13.80 -32.08
C ALA C 76 -7.04 14.02 -33.59
N GLN C 77 -5.88 14.25 -34.22
CA GLN C 77 -5.86 14.42 -35.67
C GLN C 77 -6.39 13.19 -36.39
N ASP C 78 -6.11 12.00 -35.86
CA ASP C 78 -6.53 10.76 -36.51
C ASP C 78 -8.05 10.59 -36.49
N PHE C 79 -8.75 11.27 -35.59
CA PHE C 79 -10.20 11.13 -35.46
C PHE C 79 -10.96 12.21 -36.21
N LYS C 80 -10.52 13.46 -36.15
CA LYS C 80 -11.14 14.54 -36.90
C LYS C 80 -10.10 15.60 -37.23
N THR C 81 -10.08 16.03 -38.48
CA THR C 81 -9.12 17.04 -38.92
C THR C 81 -9.59 18.43 -38.54
N ASP C 82 -8.61 19.30 -38.27
CA ASP C 82 -8.87 20.71 -37.93
C ASP C 82 -9.76 20.83 -36.70
N LEU C 83 -9.28 20.24 -35.60
CA LEU C 83 -9.98 20.31 -34.33
C LEU C 83 -9.39 21.43 -33.47
N ARG C 84 -10.18 21.86 -32.49
CA ARG C 84 -9.76 22.85 -31.53
C ARG C 84 -10.01 22.33 -30.13
N PHE C 85 -9.20 22.79 -29.18
CA PHE C 85 -9.27 22.35 -27.80
C PHE C 85 -9.33 23.55 -26.88
N GLN C 86 -10.19 23.48 -25.87
CA GLN C 86 -10.11 24.42 -24.77
C GLN C 86 -8.91 24.08 -23.90
N SER C 87 -8.39 25.10 -23.22
CA SER C 87 -7.28 24.88 -22.31
C SER C 87 -7.68 23.96 -21.17
N SER C 88 -8.90 24.13 -20.65
CA SER C 88 -9.40 23.27 -19.60
C SER C 88 -9.50 21.82 -20.05
N ALA C 89 -9.81 21.60 -21.33
CA ALA C 89 -9.88 20.23 -21.83
C ALA C 89 -8.52 19.55 -21.77
N VAL C 90 -7.47 20.25 -22.20
CA VAL C 90 -6.13 19.68 -22.14
C VAL C 90 -5.69 19.48 -20.71
N MET C 91 -6.03 20.41 -19.82
CA MET C 91 -5.68 20.24 -18.41
C MET C 91 -6.38 19.03 -17.81
N ALA C 92 -7.65 18.83 -18.14
CA ALA C 92 -8.38 17.67 -17.64
C ALA C 92 -7.77 16.38 -18.16
N LEU C 93 -7.42 16.35 -19.45
CA LEU C 93 -6.77 15.17 -20.00
C LEU C 93 -5.45 14.88 -19.30
N GLN C 94 -4.66 15.93 -19.04
CA GLN C 94 -3.37 15.74 -18.38
C GLN C 94 -3.54 15.21 -16.96
N GLU C 95 -4.50 15.77 -16.22
CA GLU C 95 -4.71 15.30 -14.86
C GLU C 95 -5.21 13.85 -14.84
N ALA C 96 -6.12 13.50 -15.74
CA ALA C 96 -6.60 12.12 -15.82
C ALA C 96 -5.47 11.17 -16.17
N SER C 97 -4.62 11.55 -17.14
CA SER C 97 -3.51 10.70 -17.53
C SER C 97 -2.53 10.52 -16.38
N GLU C 98 -2.22 11.60 -15.66
CA GLU C 98 -1.30 11.48 -14.54
C GLU C 98 -1.86 10.61 -13.43
N ALA C 99 -3.15 10.75 -13.11
CA ALA C 99 -3.74 9.90 -12.09
C ALA C 99 -3.72 8.44 -12.51
N TYR C 100 -4.06 8.17 -13.78
CA TYR C 100 -4.03 6.80 -14.27
C TYR C 100 -2.63 6.21 -14.19
N LEU C 101 -1.61 6.99 -14.59
CA LEU C 101 -0.26 6.48 -14.57
C LEU C 101 0.24 6.26 -13.14
N VAL C 102 -0.13 7.14 -12.21
CA VAL C 102 0.28 6.95 -10.83
C VAL C 102 -0.35 5.70 -10.25
N ALA C 103 -1.63 5.47 -10.50
CA ALA C 103 -2.27 4.25 -10.02
C ALA C 103 -1.63 3.02 -10.64
N LEU C 104 -1.35 3.06 -11.94
CA LEU C 104 -0.72 1.93 -12.61
C LEU C 104 0.67 1.66 -12.03
N PHE C 105 1.41 2.71 -11.69
CA PHE C 105 2.73 2.51 -11.11
C PHE C 105 2.65 1.96 -9.69
N GLU C 106 1.62 2.35 -8.93
CA GLU C 106 1.42 1.73 -7.62
C GLU C 106 1.17 0.23 -7.76
N ASP C 107 0.29 -0.14 -8.69
CA ASP C 107 0.02 -1.55 -8.90
C ASP C 107 1.26 -2.29 -9.39
N THR C 108 2.03 -1.66 -10.27
CA THR C 108 3.27 -2.26 -10.76
C THR C 108 4.26 -2.46 -9.63
N ASN C 109 4.35 -1.50 -8.72
CA ASN C 109 5.26 -1.65 -7.58
C ASN C 109 4.82 -2.80 -6.68
N LEU C 110 3.51 -2.93 -6.46
CA LEU C 110 3.03 -4.07 -5.68
C LEU C 110 3.37 -5.39 -6.36
N CYS C 111 3.21 -5.45 -7.67
CA CYS C 111 3.56 -6.67 -8.40
C CYS C 111 5.05 -6.97 -8.28
N ALA C 112 5.90 -5.94 -8.39
CA ALA C 112 7.33 -6.15 -8.29
C ALA C 112 7.72 -6.64 -6.90
N ILE C 113 7.13 -6.05 -5.86
CA ILE C 113 7.41 -6.51 -4.50
C ILE C 113 6.92 -7.94 -4.30
N HIS C 114 5.81 -8.30 -4.96
CA HIS C 114 5.31 -9.66 -4.86
C HIS C 114 6.33 -10.67 -5.35
N ALA C 115 7.08 -10.33 -6.40
CA ALA C 115 8.08 -11.22 -6.97
C ALA C 115 9.44 -11.12 -6.27
N LYS C 116 9.46 -10.63 -5.03
CA LYS C 116 10.69 -10.46 -4.27
C LYS C 116 11.70 -9.60 -5.02
N ARG C 117 11.23 -8.50 -5.59
CA ARG C 117 12.08 -7.54 -6.27
C ARG C 117 11.68 -6.13 -5.88
N VAL C 118 12.63 -5.21 -6.04
CA VAL C 118 12.37 -3.79 -5.79
C VAL C 118 12.38 -2.96 -7.07
N THR C 119 12.70 -3.56 -8.20
CA THR C 119 12.75 -2.87 -9.48
C THR C 119 11.53 -3.26 -10.31
N ILE C 120 10.84 -2.27 -10.85
CA ILE C 120 9.67 -2.54 -11.68
C ILE C 120 10.12 -2.79 -13.11
N MET C 121 9.49 -3.76 -13.75
CA MET C 121 9.82 -4.22 -15.09
C MET C 121 8.56 -4.28 -15.93
N PRO C 122 8.69 -4.31 -17.26
CA PRO C 122 7.49 -4.32 -18.11
C PRO C 122 6.55 -5.47 -17.81
N LYS C 123 7.07 -6.62 -17.41
CA LYS C 123 6.20 -7.74 -17.05
C LYS C 123 5.27 -7.38 -15.89
N ASP C 124 5.75 -6.57 -14.95
CA ASP C 124 4.89 -6.15 -13.84
C ASP C 124 3.75 -5.27 -14.33
N ILE C 125 4.03 -4.33 -15.24
CA ILE C 125 2.98 -3.49 -15.80
C ILE C 125 1.97 -4.35 -16.55
N GLN C 126 2.46 -5.30 -17.35
CA GLN C 126 1.57 -6.17 -18.10
C GLN C 126 0.68 -6.98 -17.16
N LEU C 127 1.26 -7.52 -16.09
CA LEU C 127 0.46 -8.29 -15.14
C LEU C 127 -0.59 -7.42 -14.46
N ALA C 128 -0.22 -6.20 -14.06
CA ALA C 128 -1.19 -5.31 -13.42
C ALA C 128 -2.33 -4.97 -14.35
N ARG C 129 -2.01 -4.67 -15.62
CA ARG C 129 -3.05 -4.36 -16.58
C ARG C 129 -3.94 -5.56 -16.85
N ARG C 130 -3.36 -6.76 -16.92
CA ARG C 130 -4.16 -7.95 -17.17
C ARG C 130 -5.09 -8.25 -16.00
N ILE C 131 -4.61 -8.04 -14.77
CA ILE C 131 -5.48 -8.25 -13.62
C ILE C 131 -6.59 -7.22 -13.59
N ARG C 132 -6.27 -5.96 -13.93
CA ARG C 132 -7.30 -4.93 -13.94
C ARG C 132 -8.25 -5.04 -15.13
N GLY C 133 -7.95 -5.90 -16.10
CA GLY C 133 -8.84 -6.15 -17.21
C GLY C 133 -8.60 -5.29 -18.44
N GLU C 134 -7.56 -4.48 -18.45
CA GLU C 134 -7.28 -3.62 -19.60
C GLU C 134 -6.73 -4.39 -20.79
N ARG C 135 -6.32 -5.65 -20.61
CA ARG C 135 -5.80 -6.46 -21.69
C ARG C 135 -6.29 -7.90 -21.59
N HIS D 19 -1.95 27.38 -42.93
CA HIS D 19 -2.19 27.13 -41.52
C HIS D 19 -2.11 25.64 -41.19
N ARG D 20 -1.75 24.85 -42.20
CA ARG D 20 -1.66 23.40 -42.03
C ARG D 20 -0.40 23.04 -41.24
N LYS D 21 -0.59 22.35 -40.12
CA LYS D 21 0.52 21.89 -39.29
C LYS D 21 0.22 20.48 -38.82
N VAL D 22 1.06 19.53 -39.22
CA VAL D 22 0.89 18.12 -38.87
C VAL D 22 1.99 17.75 -37.88
N LEU D 23 1.58 17.21 -36.72
CA LEU D 23 2.50 16.82 -35.67
C LEU D 23 2.80 15.32 -35.77
N ARG D 24 4.04 14.96 -35.45
CA ARG D 24 4.49 13.59 -35.55
C ARG D 24 5.53 13.30 -34.48
N ASP D 25 5.56 12.06 -34.01
CA ASP D 25 6.55 11.58 -33.05
C ASP D 25 6.57 12.44 -31.78
N ASN D 26 5.39 12.78 -31.29
CA ASN D 26 5.27 13.58 -30.08
C ASN D 26 5.18 12.72 -28.81
N ILE D 27 5.16 11.40 -28.96
CA ILE D 27 5.14 10.54 -27.79
C ILE D 27 6.45 10.62 -27.03
N GLN D 28 7.54 10.97 -27.72
CA GLN D 28 8.82 11.17 -27.05
C GLN D 28 8.83 12.44 -26.22
N GLY D 29 7.81 13.30 -26.33
CA GLY D 29 7.72 14.46 -25.47
C GLY D 29 7.50 14.12 -24.02
N ILE D 30 6.91 12.96 -23.73
CA ILE D 30 6.85 12.45 -22.37
C ILE D 30 8.21 11.85 -22.06
N THR D 31 9.09 12.67 -21.48
CA THR D 31 10.49 12.31 -21.35
C THR D 31 10.68 11.27 -20.25
N LYS D 32 11.87 10.68 -20.25
CA LYS D 32 12.22 9.73 -19.20
C LYS D 32 12.12 10.33 -17.80
N PRO D 33 12.65 11.53 -17.51
CA PRO D 33 12.46 12.10 -16.17
C PRO D 33 11.00 12.28 -15.78
N ALA D 34 10.12 12.59 -16.74
CA ALA D 34 8.70 12.72 -16.41
C ALA D 34 8.12 11.39 -15.93
N ILE D 35 8.44 10.31 -16.63
CA ILE D 35 7.96 9.00 -16.20
C ILE D 35 8.56 8.62 -14.86
N ARG D 36 9.82 8.98 -14.63
CA ARG D 36 10.43 8.72 -13.34
C ARG D 36 9.72 9.48 -12.23
N ARG D 37 9.36 10.74 -12.49
CA ARG D 37 8.62 11.51 -11.49
C ARG D 37 7.26 10.90 -11.21
N LEU D 38 6.58 10.43 -12.25
CA LEU D 38 5.29 9.77 -12.03
C LEU D 38 5.45 8.50 -11.21
N ALA D 39 6.49 7.71 -11.50
CA ALA D 39 6.73 6.51 -10.72
C ALA D 39 7.05 6.84 -9.26
N ARG D 40 7.85 7.89 -9.04
CA ARG D 40 8.16 8.30 -7.67
C ARG D 40 6.90 8.75 -6.93
N ARG D 41 6.01 9.46 -7.63
CA ARG D 41 4.72 9.79 -7.05
C ARG D 41 3.96 8.51 -6.69
N GLY D 42 4.06 7.48 -7.53
CA GLY D 42 3.44 6.22 -7.23
C GLY D 42 4.10 5.43 -6.13
N GLY D 43 5.38 5.68 -5.86
CA GLY D 43 6.08 4.99 -4.81
C GLY D 43 7.04 3.94 -5.30
N VAL D 44 7.78 4.24 -6.36
CA VAL D 44 8.71 3.31 -7.00
C VAL D 44 10.13 3.74 -6.67
N LYS D 45 10.96 2.78 -6.26
CA LYS D 45 12.34 3.04 -5.88
C LYS D 45 13.33 2.82 -7.01
N ARG D 46 13.17 1.75 -7.78
CA ARG D 46 14.02 1.48 -8.92
C ARG D 46 13.16 1.20 -10.15
N ILE D 47 13.60 1.70 -11.29
CA ILE D 47 12.86 1.58 -12.55
C ILE D 47 13.78 0.93 -13.58
N SER D 48 13.27 -0.09 -14.26
CA SER D 48 14.02 -0.72 -15.34
C SER D 48 14.07 0.21 -16.55
N GLY D 49 15.06 -0.03 -17.41
CA GLY D 49 15.24 0.80 -18.58
C GLY D 49 14.20 0.59 -19.66
N LEU D 50 13.56 -0.58 -19.67
CA LEU D 50 12.54 -0.89 -20.66
C LEU D 50 11.15 -0.41 -20.24
N ILE D 51 11.00 0.12 -19.04
CA ILE D 51 9.70 0.58 -18.57
C ILE D 51 9.20 1.72 -19.45
N TYR D 52 10.08 2.70 -19.71
CA TYR D 52 9.65 3.98 -20.27
C TYR D 52 8.87 3.78 -21.57
N GLU D 53 9.46 3.07 -22.53
CA GLU D 53 8.77 2.82 -23.79
C GLU D 53 7.42 2.17 -23.52
N GLU D 54 7.41 1.11 -22.72
CA GLU D 54 6.16 0.46 -22.36
C GLU D 54 5.18 1.49 -21.82
N THR D 55 5.63 2.29 -20.85
CA THR D 55 4.75 3.29 -20.25
C THR D 55 4.18 4.21 -21.32
N ARG D 56 5.03 4.67 -22.24
CA ARG D 56 4.56 5.55 -23.30
C ARG D 56 3.40 4.91 -24.04
N GLY D 57 3.56 3.65 -24.44
CA GLY D 57 2.50 2.99 -25.16
C GLY D 57 1.21 2.99 -24.37
N VAL D 58 1.31 2.65 -23.09
CA VAL D 58 0.11 2.64 -22.24
C VAL D 58 -0.56 4.00 -22.29
N LEU D 59 0.22 5.06 -22.09
CA LEU D 59 -0.35 6.40 -22.10
C LEU D 59 -1.08 6.63 -23.40
N LYS D 60 -0.44 6.32 -24.52
CA LYS D 60 -1.07 6.53 -25.82
C LYS D 60 -2.42 5.83 -25.87
N VAL D 61 -2.43 4.55 -25.49
CA VAL D 61 -3.68 3.79 -25.54
C VAL D 61 -4.75 4.49 -24.73
N PHE D 62 -4.40 4.92 -23.52
CA PHE D 62 -5.37 5.60 -22.68
C PHE D 62 -5.98 6.78 -23.42
N LEU D 63 -5.12 7.65 -23.96
CA LEU D 63 -5.63 8.81 -24.67
C LEU D 63 -6.42 8.38 -25.89
N GLU D 64 -5.92 7.37 -26.62
CA GLU D 64 -6.59 6.92 -27.82
C GLU D 64 -8.00 6.45 -27.53
N ASN D 65 -8.28 6.10 -26.28
CA ASN D 65 -9.67 5.87 -25.90
C ASN D 65 -10.35 7.20 -25.59
N VAL D 66 -9.86 7.91 -24.57
CA VAL D 66 -10.60 9.02 -23.99
C VAL D 66 -10.85 10.08 -25.06
N ILE D 67 -9.78 10.52 -25.72
CA ILE D 67 -9.91 11.56 -26.74
C ILE D 67 -10.94 11.14 -27.77
N ARG D 68 -10.89 9.88 -28.22
CA ARG D 68 -11.84 9.41 -29.21
C ARG D 68 -13.26 9.68 -28.75
N ASP D 69 -13.59 9.24 -27.54
CA ASP D 69 -14.93 9.47 -27.03
C ASP D 69 -15.25 10.96 -27.01
N ALA D 70 -14.31 11.77 -26.54
CA ALA D 70 -14.53 13.21 -26.52
C ALA D 70 -14.88 13.72 -27.90
N VAL D 71 -14.10 13.30 -28.92
CA VAL D 71 -14.37 13.78 -30.27
C VAL D 71 -15.77 13.40 -30.69
N THR D 72 -16.21 12.19 -30.33
CA THR D 72 -17.56 11.77 -30.68
C THR D 72 -18.59 12.75 -30.12
N TYR D 73 -18.43 13.12 -28.85
CA TYR D 73 -19.34 14.11 -28.28
C TYR D 73 -19.25 15.43 -29.05
N THR D 74 -18.03 15.84 -29.38
CA THR D 74 -17.86 17.07 -30.17
C THR D 74 -18.56 16.97 -31.51
N GLU D 75 -18.61 15.76 -32.09
CA GLU D 75 -19.33 15.61 -33.35
C GLU D 75 -20.83 15.68 -33.15
N HIS D 76 -21.34 15.25 -32.00
CA HIS D 76 -22.78 15.21 -31.80
C HIS D 76 -23.34 16.60 -31.58
N ALA D 77 -22.57 17.51 -30.97
CA ALA D 77 -23.03 18.86 -30.71
C ALA D 77 -22.87 19.78 -31.90
N LYS D 78 -22.35 19.27 -33.02
CA LYS D 78 -22.03 20.08 -34.19
C LYS D 78 -21.03 21.19 -33.85
N ARG D 79 -20.14 20.90 -32.90
CA ARG D 79 -19.08 21.81 -32.52
C ARG D 79 -17.76 21.39 -33.15
N LYS D 80 -16.83 22.34 -33.22
CA LYS D 80 -15.50 22.08 -33.71
C LYS D 80 -14.43 22.23 -32.63
N THR D 81 -14.84 22.50 -31.40
CA THR D 81 -13.93 22.58 -30.27
C THR D 81 -14.29 21.53 -29.23
N VAL D 82 -13.29 21.03 -28.53
CA VAL D 82 -13.46 19.99 -27.53
C VAL D 82 -13.49 20.67 -26.17
N THR D 83 -14.65 20.67 -25.52
CA THR D 83 -14.80 21.33 -24.24
C THR D 83 -14.32 20.42 -23.11
N ALA D 84 -14.19 21.01 -21.92
CA ALA D 84 -13.81 20.24 -20.75
C ALA D 84 -14.87 19.21 -20.40
N MET D 85 -16.14 19.57 -20.56
CA MET D 85 -17.23 18.64 -20.26
C MET D 85 -17.17 17.43 -21.17
N ASP D 86 -16.69 17.58 -22.40
CA ASP D 86 -16.54 16.42 -23.28
C ASP D 86 -15.55 15.42 -22.70
N VAL D 87 -14.42 15.91 -22.21
CA VAL D 87 -13.43 15.03 -21.58
C VAL D 87 -14.00 14.42 -20.31
N VAL D 88 -14.76 15.21 -19.55
CA VAL D 88 -15.34 14.69 -18.30
C VAL D 88 -16.31 13.55 -18.61
N TYR D 89 -17.17 13.73 -19.63
CA TYR D 89 -18.09 12.67 -20.00
C TYR D 89 -17.36 11.45 -20.53
N ALA D 90 -16.31 11.67 -21.33
CA ALA D 90 -15.53 10.54 -21.85
C ALA D 90 -14.90 9.74 -20.73
N LEU D 91 -14.38 10.43 -19.71
CA LEU D 91 -13.82 9.74 -18.55
C LEU D 91 -14.92 9.05 -17.75
N LYS D 92 -16.10 9.66 -17.66
CA LYS D 92 -17.21 9.06 -16.95
C LYS D 92 -17.67 7.77 -17.62
N ARG D 93 -17.53 7.69 -18.93
CA ARG D 93 -17.86 6.45 -19.63
C ARG D 93 -16.98 5.29 -19.17
N GLN D 94 -15.69 5.56 -18.99
CA GLN D 94 -14.74 4.53 -18.58
C GLN D 94 -14.68 4.34 -17.08
N GLY D 95 -15.59 4.94 -16.33
CA GLY D 95 -15.55 4.83 -14.88
C GLY D 95 -14.37 5.52 -14.25
N ARG D 96 -14.04 6.73 -14.71
CA ARG D 96 -12.92 7.52 -14.21
C ARG D 96 -13.37 8.95 -13.93
N THR D 97 -14.47 9.07 -13.18
CA THR D 97 -15.07 10.37 -12.88
C THR D 97 -14.02 11.36 -12.38
N LEU D 98 -13.99 12.53 -12.99
CA LEU D 98 -13.03 13.57 -12.68
C LEU D 98 -13.76 14.77 -12.08
N TYR D 99 -13.27 15.24 -10.93
CA TYR D 99 -13.87 16.37 -10.25
C TYR D 99 -13.01 17.61 -10.46
N GLY D 100 -13.66 18.71 -10.81
CA GLY D 100 -12.96 19.98 -10.88
C GLY D 100 -13.02 20.68 -12.22
N PHE D 101 -13.88 20.21 -13.12
CA PHE D 101 -14.04 20.84 -14.42
C PHE D 101 -15.52 20.97 -14.78
N GLY D 102 -16.31 21.45 -13.83
CA GLY D 102 -17.73 21.65 -14.06
C GLY D 102 -18.60 20.60 -13.42
N LYS E 45 -65.19 0.13 -40.89
CA LYS E 45 -64.20 1.02 -41.51
C LYS E 45 -63.06 0.23 -42.12
N THR E 46 -63.08 0.07 -43.44
CA THR E 46 -62.05 -0.67 -44.16
C THR E 46 -61.00 0.33 -44.64
N ARG E 47 -59.92 0.47 -43.87
CA ARG E 47 -58.81 1.33 -44.26
C ARG E 47 -57.87 0.55 -45.18
N ALA E 48 -56.68 1.11 -45.42
CA ALA E 48 -55.67 0.39 -46.16
C ALA E 48 -55.14 -0.79 -45.35
N LYS E 49 -54.57 -1.76 -46.05
CA LYS E 49 -54.00 -2.93 -45.39
C LYS E 49 -52.90 -2.50 -44.43
N ALA E 50 -52.96 -3.00 -43.20
CA ALA E 50 -51.98 -2.63 -42.19
C ALA E 50 -50.65 -3.33 -42.47
N LYS E 51 -49.58 -2.56 -42.49
CA LYS E 51 -48.23 -3.07 -42.68
C LYS E 51 -47.38 -2.70 -41.48
N THR E 52 -46.73 -3.69 -40.88
CA THR E 52 -45.92 -3.46 -39.69
C THR E 52 -44.71 -2.59 -40.04
N ARG E 53 -44.32 -1.72 -39.10
CA ARG E 53 -43.16 -0.87 -39.32
C ARG E 53 -41.89 -1.69 -39.47
N SER E 54 -41.86 -2.89 -38.90
CA SER E 54 -40.73 -3.78 -39.15
C SER E 54 -40.70 -4.21 -40.61
N SER E 55 -41.86 -4.42 -41.22
CA SER E 55 -41.91 -4.78 -42.63
C SER E 55 -41.45 -3.62 -43.51
N ARG E 56 -41.81 -2.39 -43.15
CA ARG E 56 -41.40 -1.24 -43.94
C ARG E 56 -39.89 -1.09 -43.94
N ALA E 57 -39.26 -1.29 -42.79
CA ALA E 57 -37.81 -1.18 -42.70
C ALA E 57 -37.07 -2.44 -43.13
N GLY E 58 -37.80 -3.51 -43.44
CA GLY E 58 -37.16 -4.76 -43.79
C GLY E 58 -36.52 -5.49 -42.64
N LEU E 59 -36.83 -5.10 -41.41
CA LEU E 59 -36.24 -5.69 -40.23
C LEU E 59 -37.13 -6.80 -39.68
N GLN E 60 -36.54 -7.61 -38.80
CA GLN E 60 -37.28 -8.66 -38.11
C GLN E 60 -37.67 -8.29 -36.69
N PHE E 61 -36.84 -7.50 -36.00
CA PHE E 61 -37.16 -7.08 -34.65
C PHE E 61 -38.31 -6.07 -34.67
N PRO E 62 -39.11 -6.02 -33.61
CA PRO E 62 -40.31 -5.18 -33.61
C PRO E 62 -39.96 -3.70 -33.45
N VAL E 63 -40.28 -2.91 -34.47
CA VAL E 63 -40.06 -1.47 -34.36
C VAL E 63 -41.04 -0.85 -33.37
N GLY E 64 -42.30 -1.29 -33.42
CA GLY E 64 -43.30 -0.73 -32.53
C GLY E 64 -43.03 -1.01 -31.06
N ARG E 65 -42.58 -2.23 -30.76
CA ARG E 65 -42.28 -2.58 -29.38
C ARG E 65 -41.11 -1.76 -28.85
N VAL E 66 -40.07 -1.56 -29.67
CA VAL E 66 -38.95 -0.73 -29.25
C VAL E 66 -39.39 0.72 -29.08
N HIS E 67 -40.27 1.20 -29.95
CA HIS E 67 -40.79 2.56 -29.81
C HIS E 67 -41.54 2.71 -28.49
N ARG E 68 -42.39 1.73 -28.15
CA ARG E 68 -43.13 1.80 -26.90
C ARG E 68 -42.19 1.73 -25.70
N LEU E 69 -41.17 0.88 -25.77
CA LEU E 69 -40.22 0.76 -24.68
C LEU E 69 -39.46 2.07 -24.47
N LEU E 70 -39.07 2.73 -25.57
CA LEU E 70 -38.42 4.03 -25.45
C LEU E 70 -39.36 5.06 -24.86
N ARG E 71 -40.63 5.06 -25.28
CA ARG E 71 -41.58 6.04 -24.77
C ARG E 71 -41.91 5.81 -23.30
N LYS E 72 -41.82 4.57 -22.84
CA LYS E 72 -42.14 4.24 -21.46
C LYS E 72 -40.93 4.12 -20.56
N GLY E 73 -39.73 4.25 -21.10
CA GLY E 73 -38.52 4.16 -20.30
C GLY E 73 -38.04 5.45 -19.69
N ASN E 74 -38.78 6.55 -19.90
CA ASN E 74 -38.41 7.87 -19.37
C ASN E 74 -37.04 8.31 -19.85
N TYR E 75 -36.66 7.91 -21.07
CA TYR E 75 -35.37 8.30 -21.61
C TYR E 75 -35.39 9.76 -22.09
N ALA E 76 -36.50 10.20 -22.66
CA ALA E 76 -36.64 11.58 -23.09
C ALA E 76 -38.13 11.87 -23.24
N GLU E 77 -38.44 13.16 -23.33
CA GLU E 77 -39.84 13.57 -23.50
C GLU E 77 -40.38 13.14 -24.85
N ARG E 78 -39.55 13.16 -25.88
CA ARG E 78 -39.97 12.81 -27.23
C ARG E 78 -39.07 11.72 -27.79
N VAL E 79 -39.64 10.89 -28.67
CA VAL E 79 -38.90 9.88 -29.40
C VAL E 79 -39.17 10.07 -30.88
N GLY E 80 -38.11 10.14 -31.67
CA GLY E 80 -38.26 10.35 -33.10
C GLY E 80 -38.81 9.14 -33.80
N ALA E 81 -39.20 9.35 -35.06
CA ALA E 81 -39.75 8.26 -35.85
C ALA E 81 -38.68 7.24 -36.22
N GLY E 82 -37.48 7.69 -36.60
CA GLY E 82 -36.43 6.81 -37.02
C GLY E 82 -35.58 6.21 -35.93
N ALA E 83 -35.72 6.71 -34.70
CA ALA E 83 -34.96 6.14 -33.60
C ALA E 83 -35.31 4.68 -33.32
N PRO E 84 -36.59 4.29 -33.25
CA PRO E 84 -36.88 2.86 -33.09
C PRO E 84 -36.34 2.02 -34.24
N VAL E 85 -36.39 2.53 -35.46
CA VAL E 85 -35.88 1.77 -36.60
C VAL E 85 -34.37 1.54 -36.45
N TYR E 86 -33.65 2.60 -36.08
CA TYR E 86 -32.21 2.47 -35.91
C TYR E 86 -31.88 1.49 -34.79
N LEU E 87 -32.58 1.60 -33.66
CA LEU E 87 -32.30 0.72 -32.53
C LEU E 87 -32.61 -0.73 -32.87
N ALA E 88 -33.72 -0.97 -33.56
CA ALA E 88 -34.08 -2.32 -33.96
C ALA E 88 -33.06 -2.89 -34.94
N ALA E 89 -32.58 -2.07 -35.87
CA ALA E 89 -31.57 -2.56 -36.80
C ALA E 89 -30.28 -2.92 -36.07
N VAL E 90 -29.87 -2.10 -35.11
CA VAL E 90 -28.64 -2.39 -34.36
C VAL E 90 -28.80 -3.69 -33.58
N LEU E 91 -29.93 -3.85 -32.89
CA LEU E 91 -30.16 -5.06 -32.12
C LEU E 91 -30.20 -6.28 -33.02
N GLU E 92 -30.85 -6.18 -34.18
CA GLU E 92 -30.92 -7.31 -35.10
C GLU E 92 -29.55 -7.68 -35.61
N TYR E 93 -28.71 -6.69 -35.94
CA TYR E 93 -27.37 -7.01 -36.41
C TYR E 93 -26.56 -7.70 -35.32
N LEU E 94 -26.62 -7.19 -34.09
CA LEU E 94 -25.85 -7.80 -33.02
C LEU E 94 -26.31 -9.23 -32.76
N THR E 95 -27.62 -9.44 -32.74
CA THR E 95 -28.15 -10.79 -32.55
C THR E 95 -27.74 -11.71 -33.68
N ALA E 96 -27.77 -11.21 -34.91
CA ALA E 96 -27.37 -12.04 -36.05
C ALA E 96 -25.92 -12.44 -35.95
N GLU E 97 -25.04 -11.50 -35.58
CA GLU E 97 -23.62 -11.82 -35.48
C GLU E 97 -23.36 -12.85 -34.38
N ILE E 98 -23.94 -12.63 -33.20
CA ILE E 98 -23.68 -13.55 -32.10
C ILE E 98 -24.28 -14.92 -32.38
N LEU E 99 -25.44 -14.97 -33.04
CA LEU E 99 -26.05 -16.24 -33.38
C LEU E 99 -25.26 -16.97 -34.46
N GLU E 100 -24.69 -16.23 -35.41
CA GLU E 100 -23.85 -16.88 -36.42
C GLU E 100 -22.63 -17.51 -35.79
N LEU E 101 -21.97 -16.78 -34.89
CA LEU E 101 -20.80 -17.34 -34.22
C LEU E 101 -21.19 -18.55 -33.36
N ALA E 102 -22.32 -18.46 -32.65
CA ALA E 102 -22.78 -19.57 -31.83
C ALA E 102 -23.12 -20.79 -32.67
N GLY E 103 -23.76 -20.58 -33.82
CA GLY E 103 -24.07 -21.70 -34.69
C GLY E 103 -22.84 -22.36 -35.25
N ASN E 104 -21.83 -21.56 -35.62
CA ASN E 104 -20.57 -22.14 -36.06
C ASN E 104 -19.93 -22.95 -34.94
N ALA E 105 -19.95 -22.44 -33.71
CA ALA E 105 -19.40 -23.17 -32.59
C ALA E 105 -20.13 -24.49 -32.35
N ALA E 106 -21.46 -24.46 -32.45
CA ALA E 106 -22.25 -25.68 -32.25
C ALA E 106 -21.97 -26.69 -33.35
N ARG E 107 -21.86 -26.23 -34.60
CA ARG E 107 -21.54 -27.15 -35.70
C ARG E 107 -20.16 -27.76 -35.50
N ASP E 108 -19.20 -26.98 -35.00
CA ASP E 108 -17.89 -27.53 -34.69
C ASP E 108 -17.95 -28.59 -33.60
N ASN E 109 -19.01 -28.61 -32.79
CA ASN E 109 -19.19 -29.58 -31.74
C ASN E 109 -20.12 -30.72 -32.15
N LYS E 110 -20.47 -30.80 -33.43
CA LYS E 110 -21.32 -31.88 -33.95
C LYS E 110 -22.67 -31.93 -33.25
N LYS E 111 -23.22 -30.76 -32.94
CA LYS E 111 -24.56 -30.64 -32.39
C LYS E 111 -25.34 -29.62 -33.20
N THR E 112 -26.66 -29.80 -33.25
CA THR E 112 -27.54 -28.97 -34.07
C THR E 112 -28.50 -28.15 -33.21
N ARG E 113 -28.01 -27.62 -32.09
CA ARG E 113 -28.84 -26.81 -31.21
C ARG E 113 -27.93 -25.98 -30.32
N ILE E 114 -28.19 -24.68 -30.23
CA ILE E 114 -27.31 -23.77 -29.51
C ILE E 114 -27.60 -23.88 -28.01
N ILE E 115 -26.56 -24.19 -27.23
CA ILE E 115 -26.65 -24.25 -25.78
C ILE E 115 -25.84 -23.08 -25.23
N PRO E 116 -25.95 -22.75 -23.94
CA PRO E 116 -25.17 -21.62 -23.41
C PRO E 116 -23.68 -21.74 -23.60
N ARG E 117 -23.14 -22.97 -23.63
CA ARG E 117 -21.72 -23.15 -23.83
C ARG E 117 -21.27 -22.59 -25.18
N HIS E 118 -22.10 -22.80 -26.21
CA HIS E 118 -21.77 -22.26 -27.53
C HIS E 118 -21.78 -20.74 -27.51
N LEU E 119 -22.74 -20.14 -26.80
CA LEU E 119 -22.76 -18.68 -26.67
C LEU E 119 -21.51 -18.17 -25.98
N GLN E 120 -21.09 -18.84 -24.91
CA GLN E 120 -19.87 -18.44 -24.21
C GLN E 120 -18.66 -18.55 -25.12
N LEU E 121 -18.54 -19.65 -25.86
CA LEU E 121 -17.42 -19.81 -26.78
C LEU E 121 -17.43 -18.73 -27.85
N ALA E 122 -18.60 -18.43 -28.41
CA ALA E 122 -18.70 -17.42 -29.44
C ALA E 122 -18.32 -16.05 -28.92
N VAL E 123 -18.77 -15.71 -27.72
CA VAL E 123 -18.47 -14.39 -27.16
C VAL E 123 -16.99 -14.28 -26.85
N ARG E 124 -16.41 -15.29 -26.21
CA ARG E 124 -15.03 -15.17 -25.75
C ARG E 124 -14.02 -15.32 -26.88
N ASN E 125 -14.32 -16.11 -27.90
CA ASN E 125 -13.39 -16.27 -29.02
C ASN E 125 -13.36 -15.07 -29.95
N ASP E 126 -14.39 -14.22 -29.93
CA ASP E 126 -14.44 -13.02 -30.75
C ASP E 126 -13.99 -11.83 -29.92
N GLU E 127 -13.05 -11.05 -30.46
CA GLU E 127 -12.45 -9.96 -29.68
C GLU E 127 -13.45 -8.85 -29.42
N GLU E 128 -14.17 -8.42 -30.45
CA GLU E 128 -15.09 -7.29 -30.29
C GLU E 128 -16.25 -7.63 -29.38
N LEU E 129 -16.84 -8.82 -29.54
CA LEU E 129 -17.93 -9.21 -28.67
C LEU E 129 -17.44 -9.41 -27.24
N ASN E 130 -16.23 -9.95 -27.07
CA ASN E 130 -15.67 -10.11 -25.73
C ASN E 130 -15.48 -8.75 -25.06
N LYS E 131 -15.00 -7.77 -25.81
CA LYS E 131 -14.88 -6.42 -25.27
C LYS E 131 -16.25 -5.85 -24.93
N LEU E 132 -17.25 -6.14 -25.76
CA LEU E 132 -18.60 -5.65 -25.49
C LEU E 132 -19.18 -6.29 -24.25
N LEU E 133 -18.92 -7.58 -24.05
CA LEU E 133 -19.48 -8.35 -22.93
C LEU E 133 -18.39 -8.79 -21.96
N GLY E 134 -17.46 -7.88 -21.66
CA GLY E 134 -16.37 -8.23 -20.76
C GLY E 134 -16.83 -8.46 -19.34
N ARG E 135 -17.76 -7.62 -18.85
CA ARG E 135 -18.25 -7.72 -17.48
C ARG E 135 -19.59 -8.44 -17.40
N VAL E 136 -19.80 -9.43 -18.26
CA VAL E 136 -21.06 -10.16 -18.35
C VAL E 136 -20.78 -11.64 -18.08
N THR E 137 -21.57 -12.23 -17.20
CA THR E 137 -21.47 -13.65 -16.87
C THR E 137 -22.63 -14.38 -17.53
N ILE E 138 -22.32 -15.38 -18.36
CA ILE E 138 -23.31 -16.19 -19.04
C ILE E 138 -23.53 -17.45 -18.21
N ALA E 139 -24.77 -17.68 -17.81
CA ALA E 139 -25.09 -18.82 -16.97
C ALA E 139 -24.88 -20.12 -17.72
N GLN E 140 -24.27 -21.09 -17.05
CA GLN E 140 -23.97 -22.41 -17.63
C GLN E 140 -23.15 -22.27 -18.90
N GLY E 141 -22.18 -21.36 -18.90
CA GLY E 141 -21.37 -21.12 -20.08
C GLY E 141 -19.97 -21.68 -19.98
N GLY E 142 -19.47 -21.83 -18.75
CA GLY E 142 -18.13 -22.32 -18.58
C GLY E 142 -17.09 -21.27 -18.93
N VAL E 143 -15.86 -21.76 -19.12
CA VAL E 143 -14.73 -20.91 -19.44
C VAL E 143 -13.99 -21.49 -20.64
N LEU E 144 -13.21 -20.63 -21.29
CA LEU E 144 -12.43 -21.07 -22.44
C LEU E 144 -11.33 -22.03 -22.00
N PRO E 145 -11.03 -23.04 -22.79
CA PRO E 145 -9.87 -23.90 -22.49
C PRO E 145 -8.56 -23.12 -22.59
N ASN E 146 -7.87 -22.95 -21.47
CA ASN E 146 -6.64 -22.16 -21.46
C ASN E 146 -5.77 -22.65 -20.30
N ILE E 147 -4.69 -23.35 -20.63
CA ILE E 147 -3.70 -23.77 -19.65
C ILE E 147 -2.40 -23.04 -19.95
N GLN E 148 -1.81 -22.45 -18.91
CA GLN E 148 -0.58 -21.68 -19.09
C GLN E 148 0.57 -22.58 -19.53
N SER E 149 1.46 -22.01 -20.35
CA SER E 149 2.56 -22.78 -20.92
C SER E 149 3.52 -23.29 -19.84
N VAL E 150 3.62 -22.58 -18.73
CA VAL E 150 4.55 -22.98 -17.67
C VAL E 150 4.10 -24.29 -17.03
N LEU E 151 2.79 -24.47 -16.88
CA LEU E 151 2.27 -25.63 -16.14
C LEU E 151 2.38 -26.93 -16.93
N LEU E 152 2.48 -26.86 -18.26
CA LEU E 152 2.57 -28.07 -19.05
C LEU E 152 3.91 -28.77 -18.82
N PRO E 153 3.92 -30.10 -18.87
CA PRO E 153 5.17 -30.84 -18.62
C PRO E 153 6.18 -30.65 -19.74
N LYS E 154 7.45 -30.83 -19.38
CA LYS E 154 8.54 -30.71 -20.34
C LYS E 154 9.78 -31.43 -19.84
N ARG F 28 -55.26 -18.24 -17.32
CA ARG F 28 -55.25 -16.88 -17.86
C ARG F 28 -54.57 -15.91 -16.90
N LYS F 29 -53.32 -15.56 -17.19
CA LYS F 29 -52.57 -14.64 -16.36
C LYS F 29 -52.03 -13.49 -17.21
N THR F 30 -51.20 -12.64 -16.60
CA THR F 30 -50.61 -11.52 -17.34
C THR F 30 -49.60 -12.04 -18.35
N ARG F 31 -49.77 -11.65 -19.61
CA ARG F 31 -48.86 -12.09 -20.65
C ARG F 31 -47.51 -11.39 -20.49
N LYS F 32 -46.44 -12.18 -20.60
CA LYS F 32 -45.08 -11.69 -20.47
C LYS F 32 -44.45 -11.63 -21.86
N GLU F 33 -44.00 -10.44 -22.25
CA GLU F 33 -43.39 -10.26 -23.56
C GLU F 33 -41.90 -10.61 -23.51
N SER F 34 -41.37 -10.95 -24.67
CA SER F 34 -39.96 -11.30 -24.81
C SER F 34 -39.58 -11.23 -26.28
N TYR F 35 -38.32 -11.53 -26.57
CA TYR F 35 -37.80 -11.52 -27.93
C TYR F 35 -37.60 -12.93 -28.47
N ALA F 36 -38.45 -13.87 -28.07
CA ALA F 36 -38.30 -15.25 -28.51
C ALA F 36 -38.51 -15.37 -30.01
N ILE F 37 -39.62 -14.85 -30.52
CA ILE F 37 -39.95 -15.06 -31.93
C ILE F 37 -38.96 -14.35 -32.83
N TYR F 38 -38.52 -13.16 -32.43
CA TYR F 38 -37.62 -12.39 -33.29
C TYR F 38 -36.23 -13.01 -33.33
N VAL F 39 -35.72 -13.44 -32.18
CA VAL F 39 -34.44 -14.13 -32.15
C VAL F 39 -34.52 -15.42 -32.96
N TYR F 40 -35.64 -16.13 -32.87
CA TYR F 40 -35.80 -17.35 -33.65
C TYR F 40 -35.80 -17.07 -35.14
N LYS F 41 -36.48 -15.99 -35.56
CA LYS F 41 -36.49 -15.62 -36.96
C LYS F 41 -35.09 -15.25 -37.45
N VAL F 42 -34.35 -14.50 -36.64
CA VAL F 42 -32.99 -14.13 -37.03
C VAL F 42 -32.11 -15.38 -37.14
N LEU F 43 -32.26 -16.30 -36.19
CA LEU F 43 -31.49 -17.53 -36.25
C LEU F 43 -31.81 -18.35 -37.48
N LYS F 44 -33.10 -18.43 -37.85
CA LYS F 44 -33.48 -19.15 -39.04
C LYS F 44 -32.94 -18.48 -40.29
N GLN F 45 -32.88 -17.15 -40.31
CA GLN F 45 -32.26 -16.45 -41.43
C GLN F 45 -30.78 -16.77 -41.53
N VAL F 46 -30.08 -16.80 -40.39
CA VAL F 46 -28.64 -17.06 -40.42
C VAL F 46 -28.36 -18.53 -40.64
N HIS F 47 -28.83 -19.38 -39.71
CA HIS F 47 -28.65 -20.83 -39.82
C HIS F 47 -30.01 -21.49 -40.03
N PRO F 48 -30.36 -21.91 -41.25
CA PRO F 48 -31.69 -22.48 -41.50
C PRO F 48 -31.94 -23.78 -40.77
N ASP F 49 -30.91 -24.51 -40.35
CA ASP F 49 -31.05 -25.85 -39.78
C ASP F 49 -30.37 -25.93 -38.42
N THR F 50 -30.62 -24.95 -37.56
CA THR F 50 -30.07 -24.93 -36.22
C THR F 50 -31.10 -24.33 -35.27
N GLY F 51 -31.21 -24.91 -34.08
CA GLY F 51 -32.17 -24.49 -33.09
C GLY F 51 -31.52 -23.83 -31.88
N ILE F 52 -32.37 -23.45 -30.93
CA ILE F 52 -31.95 -22.81 -29.69
C ILE F 52 -32.65 -23.50 -28.53
N SER F 53 -31.88 -23.82 -27.49
CA SER F 53 -32.47 -24.32 -26.26
C SER F 53 -33.14 -23.18 -25.49
N SER F 54 -33.93 -23.55 -24.49
CA SER F 54 -34.64 -22.54 -23.70
C SER F 54 -33.67 -21.65 -22.94
N LYS F 55 -32.61 -22.24 -22.37
CA LYS F 55 -31.63 -21.46 -21.64
C LYS F 55 -30.89 -20.49 -22.55
N ALA F 56 -30.52 -20.94 -23.75
CA ALA F 56 -29.87 -20.05 -24.71
C ALA F 56 -30.80 -18.92 -25.11
N MET F 57 -32.09 -19.21 -25.25
CA MET F 57 -33.05 -18.17 -25.60
C MET F 57 -33.19 -17.16 -24.47
N SER F 58 -33.17 -17.62 -23.22
CA SER F 58 -33.22 -16.69 -22.09
C SER F 58 -31.97 -15.80 -22.07
N ILE F 59 -30.81 -16.39 -22.35
CA ILE F 59 -29.58 -15.60 -22.41
C ILE F 59 -29.67 -14.56 -23.54
N MET F 60 -30.24 -14.95 -24.67
CA MET F 60 -30.41 -14.00 -25.78
C MET F 60 -31.36 -12.88 -25.39
N ASN F 61 -32.44 -13.20 -24.69
CA ASN F 61 -33.35 -12.15 -24.21
C ASN F 61 -32.63 -11.18 -23.31
N SER F 62 -31.84 -11.70 -22.36
CA SER F 62 -31.10 -10.83 -21.45
C SER F 62 -30.09 -9.98 -22.22
N PHE F 63 -29.44 -10.55 -23.21
CA PHE F 63 -28.46 -9.80 -24.00
C PHE F 63 -29.13 -8.67 -24.77
N VAL F 64 -30.26 -8.95 -25.41
CA VAL F 64 -30.96 -7.91 -26.16
C VAL F 64 -31.43 -6.81 -25.23
N ASN F 65 -31.99 -7.18 -24.08
CA ASN F 65 -32.45 -6.17 -23.12
C ASN F 65 -31.29 -5.32 -22.62
N ASP F 66 -30.15 -5.94 -22.33
CA ASP F 66 -29.01 -5.19 -21.82
C ASP F 66 -28.48 -4.21 -22.86
N VAL F 67 -28.36 -4.65 -24.11
CA VAL F 67 -27.88 -3.75 -25.15
C VAL F 67 -28.87 -2.61 -25.37
N PHE F 68 -30.16 -2.92 -25.34
CA PHE F 68 -31.18 -1.88 -25.45
C PHE F 68 -31.03 -0.86 -24.33
N GLU F 69 -30.85 -1.32 -23.10
CA GLU F 69 -30.72 -0.40 -21.98
C GLU F 69 -29.47 0.45 -22.12
N ARG F 70 -28.36 -0.15 -22.52
CA ARG F 70 -27.12 0.62 -22.69
C ARG F 70 -27.31 1.72 -23.74
N ILE F 71 -27.82 1.36 -24.91
CA ILE F 71 -27.97 2.34 -25.98
C ILE F 71 -28.96 3.43 -25.59
N ALA F 72 -30.08 3.03 -24.97
CA ALA F 72 -31.08 4.02 -24.57
C ALA F 72 -30.54 4.97 -23.51
N GLY F 73 -29.79 4.44 -22.54
CA GLY F 73 -29.22 5.31 -21.53
C GLY F 73 -28.20 6.28 -22.09
N GLU F 74 -27.35 5.80 -23.01
CA GLU F 74 -26.39 6.69 -23.64
C GLU F 74 -27.09 7.75 -24.47
N ALA F 75 -28.17 7.38 -25.16
CA ALA F 75 -28.92 8.36 -25.94
C ALA F 75 -29.56 9.41 -25.03
N SER F 76 -30.10 8.97 -23.89
CA SER F 76 -30.69 9.92 -22.95
C SER F 76 -29.65 10.88 -22.39
N ARG F 77 -28.46 10.35 -22.07
CA ARG F 77 -27.38 11.22 -21.61
C ARG F 77 -26.99 12.22 -22.68
N LEU F 78 -26.88 11.77 -23.94
CA LEU F 78 -26.53 12.68 -25.02
C LEU F 78 -27.58 13.76 -25.20
N ALA F 79 -28.85 13.39 -25.11
CA ALA F 79 -29.92 14.38 -25.25
C ALA F 79 -29.89 15.39 -24.12
N HIS F 80 -29.66 14.92 -22.89
CA HIS F 80 -29.64 15.84 -21.75
C HIS F 80 -28.44 16.77 -21.81
N TYR F 81 -27.29 16.26 -22.25
CA TYR F 81 -26.08 17.09 -22.31
C TYR F 81 -26.23 18.21 -23.32
N ASN F 82 -26.83 17.92 -24.47
CA ASN F 82 -27.00 18.90 -25.54
C ASN F 82 -28.27 19.72 -25.37
N LYS F 83 -28.97 19.57 -24.25
CA LYS F 83 -30.15 20.37 -23.93
C LYS F 83 -31.27 20.18 -24.95
N ARG F 84 -31.32 19.00 -25.57
CA ARG F 84 -32.43 18.62 -26.41
C ARG F 84 -33.43 17.80 -25.60
N SER F 85 -34.65 17.69 -26.13
CA SER F 85 -35.71 16.95 -25.46
C SER F 85 -36.24 15.80 -26.30
N THR F 86 -35.48 15.35 -27.29
CA THR F 86 -35.91 14.26 -28.15
C THR F 86 -34.73 13.32 -28.41
N ILE F 87 -35.06 12.05 -28.63
CA ILE F 87 -34.09 11.03 -29.01
C ILE F 87 -34.34 10.68 -30.46
N THR F 88 -33.41 11.03 -31.34
CA THR F 88 -33.53 10.79 -32.76
C THR F 88 -32.51 9.76 -33.20
N SER F 89 -32.46 9.51 -34.51
CA SER F 89 -31.50 8.55 -35.05
C SER F 89 -30.08 9.02 -34.85
N ARG F 90 -29.87 10.34 -34.79
CA ARG F 90 -28.52 10.86 -34.56
C ARG F 90 -28.02 10.49 -33.16
N GLU F 91 -28.88 10.62 -32.15
CA GLU F 91 -28.50 10.23 -30.80
C GLU F 91 -28.22 8.74 -30.71
N ILE F 92 -29.04 7.92 -31.35
CA ILE F 92 -28.82 6.47 -31.34
C ILE F 92 -27.52 6.12 -32.02
N GLN F 93 -27.22 6.79 -33.15
CA GLN F 93 -25.98 6.53 -33.86
C GLN F 93 -24.77 6.90 -33.01
N THR F 94 -24.82 8.05 -32.34
CA THR F 94 -23.71 8.44 -31.48
C THR F 94 -23.57 7.46 -30.32
N ALA F 95 -24.68 7.02 -29.74
CA ALA F 95 -24.61 6.05 -28.65
C ALA F 95 -24.01 4.73 -29.12
N VAL F 96 -24.39 4.28 -30.31
CA VAL F 96 -23.82 3.05 -30.86
C VAL F 96 -22.33 3.20 -31.08
N ARG F 97 -21.90 4.33 -31.62
CA ARG F 97 -20.47 4.55 -31.83
C ARG F 97 -19.72 4.63 -30.52
N LEU F 98 -20.37 5.11 -29.46
CA LEU F 98 -19.70 5.19 -28.16
C LEU F 98 -19.61 3.82 -27.48
N LEU F 99 -20.66 3.00 -27.60
CA LEU F 99 -20.71 1.73 -26.86
C LEU F 99 -20.04 0.59 -27.63
N LEU F 100 -20.51 0.30 -28.83
CA LEU F 100 -19.99 -0.85 -29.56
C LEU F 100 -18.56 -0.57 -30.03
N PRO F 101 -17.62 -1.45 -29.76
CA PRO F 101 -16.23 -1.21 -30.16
C PRO F 101 -15.89 -1.81 -31.52
N GLY F 102 -14.91 -1.19 -32.17
CA GLY F 102 -14.31 -1.75 -33.36
C GLY F 102 -15.25 -1.79 -34.54
N GLU F 103 -15.10 -2.85 -35.36
CA GLU F 103 -15.90 -3.00 -36.56
C GLU F 103 -17.38 -3.20 -36.26
N LEU F 104 -17.72 -3.62 -35.03
CA LEU F 104 -19.12 -3.72 -34.65
C LEU F 104 -19.83 -2.38 -34.77
N ALA F 105 -19.16 -1.31 -34.34
CA ALA F 105 -19.75 0.01 -34.46
C ALA F 105 -20.00 0.39 -35.91
N LYS F 106 -19.03 0.14 -36.78
CA LYS F 106 -19.17 0.48 -38.19
C LYS F 106 -20.32 -0.29 -38.82
N HIS F 107 -20.38 -1.60 -38.58
CA HIS F 107 -21.43 -2.41 -39.17
C HIS F 107 -22.81 -2.05 -38.62
N ALA F 108 -22.89 -1.76 -37.32
CA ALA F 108 -24.16 -1.35 -36.74
C ALA F 108 -24.62 -0.02 -37.32
N VAL F 109 -23.71 0.92 -37.50
CA VAL F 109 -24.06 2.19 -38.10
C VAL F 109 -24.55 1.98 -39.53
N SER F 110 -23.87 1.13 -40.29
CA SER F 110 -24.30 0.86 -41.66
C SER F 110 -25.70 0.25 -41.69
N GLU F 111 -25.96 -0.72 -40.82
CA GLU F 111 -27.27 -1.37 -40.79
C GLU F 111 -28.36 -0.39 -40.39
N GLY F 112 -28.10 0.43 -39.37
CA GLY F 112 -29.09 1.41 -38.95
C GLY F 112 -29.38 2.45 -40.02
N THR F 113 -28.34 2.94 -40.69
CA THR F 113 -28.55 3.91 -41.75
C THR F 113 -29.36 3.31 -42.90
N LYS F 114 -29.03 2.07 -43.28
CA LYS F 114 -29.81 1.41 -44.33
C LYS F 114 -31.26 1.25 -43.92
N ALA F 115 -31.52 0.83 -42.68
CA ALA F 115 -32.89 0.65 -42.22
C ALA F 115 -33.65 1.95 -42.22
N VAL F 116 -33.02 3.03 -41.73
CA VAL F 116 -33.71 4.31 -41.66
C VAL F 116 -33.99 4.85 -43.07
N THR F 117 -33.04 4.70 -43.99
CA THR F 117 -33.26 5.15 -45.35
C THR F 117 -34.41 4.38 -46.00
N LYS F 118 -34.44 3.06 -45.80
CA LYS F 118 -35.52 2.26 -46.37
C LYS F 118 -36.86 2.62 -45.76
N TYR F 119 -36.89 2.88 -44.45
CA TYR F 119 -38.13 3.25 -43.79
C TYR F 119 -38.64 4.59 -44.30
N THR F 120 -37.75 5.57 -44.48
CA THR F 120 -38.19 6.86 -44.99
C THR F 120 -38.62 6.77 -46.44
N SER F 121 -37.95 5.93 -47.23
CA SER F 121 -38.32 5.78 -48.64
C SER F 121 -39.72 5.20 -48.78
N ALA F 122 -40.06 4.21 -47.96
CA ALA F 122 -41.39 3.60 -48.00
C ALA F 122 -42.27 4.14 -46.89
N PRO G 39 0.97 -51.58 -8.53
CA PRO G 39 0.68 -50.15 -8.39
C PRO G 39 1.07 -49.35 -9.63
N HIS G 40 0.23 -48.38 -10.00
CA HIS G 40 0.45 -47.54 -11.17
C HIS G 40 0.23 -46.07 -10.83
N ARG G 41 0.88 -45.62 -9.76
CA ARG G 41 0.73 -44.24 -9.33
C ARG G 41 1.19 -43.27 -10.40
N TYR G 42 0.34 -42.30 -10.73
CA TYR G 42 0.71 -41.23 -11.63
C TYR G 42 1.60 -40.22 -10.91
N ARG G 43 2.43 -39.53 -11.68
CA ARG G 43 3.34 -38.55 -11.10
C ARG G 43 2.56 -37.33 -10.59
N PRO G 44 3.13 -36.60 -9.63
CA PRO G 44 2.38 -35.52 -8.99
C PRO G 44 2.12 -34.33 -9.91
N GLY G 45 0.97 -34.35 -10.60
CA GLY G 45 0.61 -33.23 -11.45
C GLY G 45 -0.08 -33.58 -12.76
N THR G 46 0.04 -34.83 -13.21
CA THR G 46 -0.65 -35.20 -14.44
C THR G 46 -2.14 -35.34 -14.19
N VAL G 47 -2.53 -35.87 -13.04
CA VAL G 47 -3.93 -35.90 -12.67
C VAL G 47 -4.48 -34.49 -12.52
N ALA G 48 -3.66 -33.56 -12.03
CA ALA G 48 -4.10 -32.17 -11.94
C ALA G 48 -4.42 -31.59 -13.32
N LEU G 49 -3.56 -31.86 -14.31
CA LEU G 49 -3.83 -31.38 -15.66
C LEU G 49 -5.08 -32.04 -16.23
N ARG G 50 -5.26 -33.33 -15.97
CA ARG G 50 -6.46 -34.01 -16.43
C ARG G 50 -7.71 -33.39 -15.82
N GLU G 51 -7.66 -33.06 -14.53
CA GLU G 51 -8.79 -32.40 -13.89
C GLU G 51 -9.03 -31.01 -14.47
N ILE G 52 -7.94 -30.30 -14.78
CA ILE G 52 -8.08 -28.98 -15.40
C ILE G 52 -8.84 -29.10 -16.72
N ARG G 53 -8.43 -30.07 -17.55
CA ARG G 53 -9.11 -30.26 -18.83
C ARG G 53 -10.57 -30.65 -18.63
N ARG G 54 -10.84 -31.57 -17.70
CA ARG G 54 -12.21 -32.03 -17.50
C ARG G 54 -13.11 -30.90 -17.02
N TYR G 55 -12.64 -30.09 -16.07
CA TYR G 55 -13.49 -29.05 -15.50
C TYR G 55 -13.48 -27.78 -16.31
N GLN G 56 -12.59 -27.63 -17.29
CA GLN G 56 -12.73 -26.54 -18.24
C GLN G 56 -13.58 -26.91 -19.45
N LYS G 57 -13.67 -28.20 -19.78
CA LYS G 57 -14.58 -28.62 -20.84
C LYS G 57 -16.03 -28.65 -20.37
N SER G 58 -16.26 -28.92 -19.09
CA SER G 58 -17.61 -29.07 -18.57
C SER G 58 -18.22 -27.70 -18.24
N THR G 59 -19.51 -27.72 -17.89
CA THR G 59 -20.23 -26.49 -17.58
C THR G 59 -21.11 -26.59 -16.33
N GLU G 60 -21.13 -27.71 -15.64
CA GLU G 60 -22.01 -27.87 -14.49
C GLU G 60 -21.49 -27.08 -13.29
N LEU G 61 -22.37 -26.86 -12.32
CA LEU G 61 -21.98 -26.22 -11.08
C LEU G 61 -21.04 -27.12 -10.29
N LEU G 62 -20.03 -26.51 -9.68
CA LEU G 62 -18.99 -27.27 -8.98
C LEU G 62 -19.23 -27.37 -7.48
N ILE G 63 -19.92 -26.42 -6.89
CA ILE G 63 -20.25 -26.46 -5.46
C ILE G 63 -21.57 -27.19 -5.29
N ARG G 64 -21.65 -28.02 -4.26
CA ARG G 64 -22.89 -28.72 -3.96
C ARG G 64 -24.01 -27.73 -3.63
N LYS G 65 -25.22 -28.05 -4.07
CA LYS G 65 -26.31 -27.08 -4.04
C LYS G 65 -26.80 -26.84 -2.62
N LEU G 66 -27.02 -27.91 -1.84
CA LEU G 66 -27.56 -27.74 -0.50
C LEU G 66 -26.65 -26.97 0.44
N PRO G 67 -25.35 -27.26 0.52
CA PRO G 67 -24.49 -26.41 1.39
C PRO G 67 -24.49 -24.96 0.99
N PHE G 68 -24.48 -24.66 -0.32
CA PHE G 68 -24.51 -23.27 -0.76
C PHE G 68 -25.83 -22.61 -0.39
N GLN G 69 -26.93 -23.34 -0.52
CA GLN G 69 -28.23 -22.81 -0.14
C GLN G 69 -28.28 -22.49 1.35
N ARG G 70 -27.75 -23.39 2.18
CA ARG G 70 -27.71 -23.14 3.60
C ARG G 70 -26.83 -21.95 3.93
N LEU G 71 -25.70 -21.80 3.24
CA LEU G 71 -24.83 -20.65 3.46
C LEU G 71 -25.54 -19.35 3.10
N VAL G 72 -26.27 -19.35 1.99
CA VAL G 72 -27.01 -18.16 1.58
C VAL G 72 -28.06 -17.81 2.63
N ARG G 73 -28.78 -18.80 3.13
CA ARG G 73 -29.81 -18.52 4.13
C ARG G 73 -29.18 -18.01 5.42
N GLU G 74 -28.05 -18.58 5.84
CA GLU G 74 -27.40 -18.11 7.04
C GLU G 74 -26.93 -16.66 6.89
N ILE G 75 -26.37 -16.33 5.73
CA ILE G 75 -25.94 -14.95 5.50
C ILE G 75 -27.13 -14.01 5.51
N ALA G 76 -28.23 -14.41 4.88
CA ALA G 76 -29.41 -13.55 4.81
C ALA G 76 -30.10 -13.41 6.16
N GLN G 77 -29.88 -14.35 7.09
CA GLN G 77 -30.49 -14.22 8.41
C GLN G 77 -30.06 -12.93 9.11
N ASP G 78 -28.80 -12.51 8.91
CA ASP G 78 -28.31 -11.32 9.59
C ASP G 78 -29.01 -10.05 9.10
N PHE G 79 -29.49 -10.05 7.86
CA PHE G 79 -30.08 -8.85 7.29
C PHE G 79 -31.57 -8.74 7.58
N LYS G 80 -32.32 -9.83 7.36
CA LYS G 80 -33.74 -9.83 7.66
C LYS G 80 -34.15 -11.24 8.06
N THR G 81 -34.83 -11.35 9.20
CA THR G 81 -35.28 -12.64 9.69
C THR G 81 -36.50 -13.11 8.92
N ASP G 82 -36.65 -14.43 8.83
CA ASP G 82 -37.78 -15.08 8.16
C ASP G 82 -37.87 -14.63 6.69
N LEU G 83 -36.83 -14.96 5.94
CA LEU G 83 -36.79 -14.71 4.51
C LEU G 83 -37.02 -16.00 3.74
N ARG G 84 -37.60 -15.87 2.56
CA ARG G 84 -37.83 -16.99 1.67
C ARG G 84 -37.13 -16.73 0.34
N PHE G 85 -36.60 -17.78 -0.27
CA PHE G 85 -35.83 -17.68 -1.49
C PHE G 85 -36.48 -18.51 -2.59
N GLN G 86 -36.51 -17.96 -3.79
CA GLN G 86 -36.87 -18.74 -4.96
C GLN G 86 -35.70 -19.63 -5.36
N SER G 87 -36.02 -20.74 -6.02
CA SER G 87 -34.97 -21.65 -6.48
C SER G 87 -34.09 -20.95 -7.51
N SER G 88 -34.69 -20.16 -8.40
CA SER G 88 -33.92 -19.42 -9.38
C SER G 88 -32.98 -18.43 -8.73
N ALA G 89 -33.39 -17.82 -7.61
CA ALA G 89 -32.52 -16.88 -6.92
C ALA G 89 -31.25 -17.56 -6.41
N VAL G 90 -31.40 -18.74 -5.79
CA VAL G 90 -30.24 -19.46 -5.29
C VAL G 90 -29.37 -19.94 -6.44
N MET G 91 -29.99 -20.38 -7.54
CA MET G 91 -29.20 -20.80 -8.69
C MET G 91 -28.41 -19.63 -9.27
N ALA G 92 -29.02 -18.45 -9.35
CA ALA G 92 -28.32 -17.28 -9.85
C ALA G 92 -27.17 -16.89 -8.94
N LEU G 93 -27.40 -16.95 -7.63
CA LEU G 93 -26.33 -16.66 -6.68
C LEU G 93 -25.18 -17.64 -6.85
N GLN G 94 -25.48 -18.92 -7.03
CA GLN G 94 -24.42 -19.92 -7.19
C GLN G 94 -23.66 -19.70 -8.49
N GLU G 95 -24.35 -19.38 -9.58
CA GLU G 95 -23.67 -19.09 -10.83
C GLU G 95 -22.73 -17.91 -10.69
N ALA G 96 -23.21 -16.83 -10.07
CA ALA G 96 -22.38 -15.65 -9.88
C ALA G 96 -21.17 -15.96 -8.99
N SER G 97 -21.40 -16.70 -7.91
CA SER G 97 -20.31 -17.05 -7.00
C SER G 97 -19.25 -17.89 -7.70
N GLU G 98 -19.68 -18.89 -8.47
CA GLU G 98 -18.72 -19.74 -9.15
C GLU G 98 -17.95 -18.96 -10.20
N ALA G 99 -18.62 -18.08 -10.95
CA ALA G 99 -17.91 -17.28 -11.93
C ALA G 99 -16.88 -16.37 -11.27
N TYR G 100 -17.27 -15.71 -10.17
CA TYR G 100 -16.34 -14.84 -9.46
C TYR G 100 -15.14 -15.62 -8.95
N LEU G 101 -15.37 -16.78 -8.35
CA LEU G 101 -14.27 -17.56 -7.81
C LEU G 101 -13.36 -18.08 -8.90
N VAL G 102 -13.91 -18.50 -10.04
CA VAL G 102 -13.07 -18.96 -11.14
C VAL G 102 -12.22 -17.83 -11.69
N ALA G 103 -12.81 -16.64 -11.86
CA ALA G 103 -12.02 -15.50 -12.33
C ALA G 103 -10.92 -15.14 -11.35
N LEU G 104 -11.25 -15.14 -10.06
CA LEU G 104 -10.25 -14.85 -9.04
C LEU G 104 -9.13 -15.88 -9.04
N PHE G 105 -9.47 -17.15 -9.30
CA PHE G 105 -8.44 -18.17 -9.35
C PHE G 105 -7.57 -18.03 -10.59
N GLU G 106 -8.12 -17.60 -11.72
CA GLU G 106 -7.28 -17.32 -12.87
C GLU G 106 -6.31 -16.18 -12.58
N ASP G 107 -6.80 -15.11 -11.94
CA ASP G 107 -5.93 -14.00 -11.58
C ASP G 107 -4.87 -14.44 -10.58
N THR G 108 -5.25 -15.28 -9.61
CA THR G 108 -4.31 -15.81 -8.64
C THR G 108 -3.25 -16.67 -9.30
N ASN G 109 -3.65 -17.47 -10.29
CA ASN G 109 -2.68 -18.29 -11.02
C ASN G 109 -1.69 -17.41 -11.78
N LEU G 110 -2.18 -16.35 -12.41
CA LEU G 110 -1.27 -15.42 -13.09
C LEU G 110 -0.30 -14.79 -12.10
N CYS G 111 -0.80 -14.39 -10.93
CA CYS G 111 0.07 -13.79 -9.93
C CYS G 111 1.11 -14.78 -9.43
N ALA G 112 0.72 -16.03 -9.23
CA ALA G 112 1.66 -17.05 -8.77
C ALA G 112 2.71 -17.35 -9.82
N ILE G 113 2.32 -17.43 -11.09
CA ILE G 113 3.30 -17.67 -12.14
C ILE G 113 4.23 -16.47 -12.28
N HIS G 114 3.75 -15.27 -12.00
CA HIS G 114 4.59 -14.09 -12.05
C HIS G 114 5.75 -14.18 -11.07
N ALA G 115 5.54 -14.83 -9.92
CA ALA G 115 6.57 -14.99 -8.91
C ALA G 115 7.40 -16.25 -9.10
N LYS G 116 7.41 -16.80 -10.32
CA LYS G 116 8.17 -18.01 -10.64
C LYS G 116 7.78 -19.17 -9.73
N ARG G 117 6.47 -19.34 -9.53
CA ARG G 117 5.93 -20.44 -8.75
C ARG G 117 4.76 -21.04 -9.50
N VAL G 118 4.49 -22.32 -9.22
CA VAL G 118 3.35 -23.02 -9.79
C VAL G 118 2.29 -23.34 -8.76
N THR G 119 2.46 -22.90 -7.52
CA THR G 119 1.50 -23.16 -6.45
C THR G 119 0.90 -21.83 -5.99
N ILE G 120 -0.42 -21.78 -5.90
CA ILE G 120 -1.10 -20.57 -5.47
C ILE G 120 -1.10 -20.51 -3.95
N MET G 121 -0.89 -19.32 -3.41
CA MET G 121 -0.80 -19.07 -1.99
C MET G 121 -1.70 -17.91 -1.63
N PRO G 122 -2.06 -17.75 -0.36
CA PRO G 122 -2.98 -16.67 0.02
C PRO G 122 -2.51 -15.29 -0.38
N LYS G 123 -1.19 -15.06 -0.39
CA LYS G 123 -0.68 -13.76 -0.82
C LYS G 123 -1.01 -13.49 -2.28
N ASP G 124 -1.09 -14.53 -3.11
CA ASP G 124 -1.49 -14.35 -4.49
C ASP G 124 -2.93 -13.84 -4.59
N ILE G 125 -3.84 -14.45 -3.82
CA ILE G 125 -5.23 -13.99 -3.80
C ILE G 125 -5.30 -12.56 -3.29
N GLN G 126 -4.53 -12.25 -2.24
CA GLN G 126 -4.54 -10.89 -1.70
C GLN G 126 -4.05 -9.89 -2.73
N LEU G 127 -2.99 -10.23 -3.46
CA LEU G 127 -2.49 -9.32 -4.50
C LEU G 127 -3.51 -9.14 -5.62
N ALA G 128 -4.14 -10.24 -6.05
CA ALA G 128 -5.13 -10.14 -7.12
C ALA G 128 -6.29 -9.25 -6.71
N ARG G 129 -6.81 -9.45 -5.49
CA ARG G 129 -7.93 -8.63 -5.04
C ARG G 129 -7.52 -7.19 -4.81
N ARG G 130 -6.27 -6.95 -4.37
CA ARG G 130 -5.80 -5.58 -4.21
C ARG G 130 -5.71 -4.87 -5.55
N ILE G 131 -5.19 -5.54 -6.58
CA ILE G 131 -5.07 -4.91 -7.89
C ILE G 131 -6.45 -4.71 -8.51
N ARG G 132 -7.34 -5.69 -8.37
CA ARG G 132 -8.69 -5.54 -8.90
C ARG G 132 -9.48 -4.44 -8.20
N GLY G 133 -9.02 -4.00 -7.03
CA GLY G 133 -9.68 -2.94 -6.31
C GLY G 133 -10.65 -3.37 -5.24
N GLU G 134 -10.66 -4.65 -4.87
CA GLU G 134 -11.60 -5.14 -3.87
C GLU G 134 -11.09 -4.96 -2.45
N ARG G 135 -9.83 -4.58 -2.27
CA ARG G 135 -9.27 -4.38 -0.93
C ARG G 135 -8.12 -3.38 -0.97
N HIS H 19 -41.85 -23.65 11.93
CA HIS H 19 -40.55 -24.11 12.41
C HIS H 19 -39.52 -22.99 12.34
N ARG H 20 -39.03 -22.57 13.50
CA ARG H 20 -38.03 -21.51 13.61
C ARG H 20 -36.68 -22.17 13.87
N LYS H 21 -35.85 -22.24 12.84
CA LYS H 21 -34.53 -22.84 12.93
C LYS H 21 -33.46 -21.81 12.56
N VAL H 22 -32.30 -21.92 13.21
CA VAL H 22 -31.19 -21.00 13.01
C VAL H 22 -30.01 -21.80 12.46
N LEU H 23 -29.44 -21.33 11.36
CA LEU H 23 -28.33 -22.00 10.70
C LEU H 23 -27.02 -21.34 11.13
N ARG H 24 -26.05 -22.17 11.51
CA ARG H 24 -24.76 -21.68 11.98
C ARG H 24 -23.64 -22.56 11.44
N ASP H 25 -22.48 -21.94 11.22
CA ASP H 25 -21.26 -22.64 10.80
C ASP H 25 -21.49 -23.46 9.53
N ASN H 26 -22.17 -22.86 8.55
CA ASN H 26 -22.41 -23.51 7.28
C ASN H 26 -21.36 -23.17 6.23
N ILE H 27 -20.38 -22.33 6.57
CA ILE H 27 -19.35 -21.97 5.60
C ILE H 27 -18.48 -23.18 5.28
N GLN H 28 -18.37 -24.13 6.21
CA GLN H 28 -17.62 -25.35 5.96
C GLN H 28 -18.27 -26.24 4.92
N GLY H 29 -19.52 -25.96 4.56
CA GLY H 29 -20.15 -26.69 3.46
C GLY H 29 -19.47 -26.49 2.13
N ILE H 30 -18.72 -25.40 1.99
CA ILE H 30 -17.88 -25.21 0.81
C ILE H 30 -16.63 -26.03 1.04
N THR H 31 -16.68 -27.29 0.64
CA THR H 31 -15.66 -28.25 1.03
C THR H 31 -14.36 -27.99 0.29
N LYS H 32 -13.30 -28.64 0.79
CA LYS H 32 -12.01 -28.57 0.11
C LYS H 32 -12.06 -29.07 -1.33
N PRO H 33 -12.71 -30.20 -1.64
CA PRO H 33 -12.80 -30.60 -3.06
C PRO H 33 -13.53 -29.60 -3.92
N ALA H 34 -14.53 -28.89 -3.38
CA ALA H 34 -15.26 -27.91 -4.18
C ALA H 34 -14.36 -26.74 -4.57
N ILE H 35 -13.61 -26.21 -3.61
CA ILE H 35 -12.65 -25.14 -3.91
C ILE H 35 -11.58 -25.65 -4.86
N ARG H 36 -11.17 -26.91 -4.69
CA ARG H 36 -10.18 -27.49 -5.59
C ARG H 36 -10.69 -27.55 -7.02
N ARG H 37 -11.94 -27.97 -7.20
CA ARG H 37 -12.52 -28.02 -8.54
C ARG H 37 -12.66 -26.63 -9.14
N LEU H 38 -13.08 -25.65 -8.33
CA LEU H 38 -13.17 -24.28 -8.81
C LEU H 38 -11.81 -23.77 -9.27
N ALA H 39 -10.75 -24.07 -8.51
CA ALA H 39 -9.41 -23.68 -8.91
C ALA H 39 -8.99 -24.40 -10.18
N ARG H 40 -9.34 -25.68 -10.31
CA ARG H 40 -9.00 -26.43 -11.50
C ARG H 40 -9.64 -25.84 -12.74
N ARG H 41 -10.89 -25.38 -12.61
CA ARG H 41 -11.53 -24.70 -13.74
C ARG H 41 -10.80 -23.42 -14.10
N GLY H 42 -10.18 -22.76 -13.12
CA GLY H 42 -9.40 -21.58 -13.38
C GLY H 42 -7.99 -21.82 -13.88
N GLY H 43 -7.55 -23.07 -13.95
CA GLY H 43 -6.23 -23.40 -14.44
C GLY H 43 -5.16 -23.60 -13.39
N VAL H 44 -5.55 -23.74 -12.12
CA VAL H 44 -4.57 -23.90 -11.05
C VAL H 44 -4.13 -25.36 -10.97
N LYS H 45 -2.82 -25.58 -10.93
CA LYS H 45 -2.24 -26.92 -10.89
C LYS H 45 -1.90 -27.39 -9.48
N ARG H 46 -1.34 -26.51 -8.65
CA ARG H 46 -1.04 -26.83 -7.27
C ARG H 46 -1.70 -25.80 -6.36
N ILE H 47 -2.26 -26.29 -5.24
CA ILE H 47 -2.99 -25.45 -4.29
C ILE H 47 -2.33 -25.59 -2.93
N SER H 48 -2.04 -24.46 -2.30
CA SER H 48 -1.53 -24.48 -0.94
C SER H 48 -2.67 -24.77 0.05
N GLY H 49 -2.29 -25.24 1.23
CA GLY H 49 -3.28 -25.64 2.23
C GLY H 49 -4.02 -24.47 2.85
N LEU H 50 -3.43 -23.29 2.85
CA LEU H 50 -4.07 -22.11 3.41
C LEU H 50 -4.97 -21.39 2.42
N ILE H 51 -5.05 -21.87 1.18
CA ILE H 51 -5.90 -21.24 0.18
C ILE H 51 -7.38 -21.36 0.58
N TYR H 52 -7.75 -22.49 1.20
CA TYR H 52 -9.16 -22.79 1.39
C TYR H 52 -9.83 -21.81 2.34
N GLU H 53 -9.19 -21.47 3.45
CA GLU H 53 -9.79 -20.52 4.39
C GLU H 53 -9.93 -19.14 3.76
N GLU H 54 -8.91 -18.70 3.02
CA GLU H 54 -8.98 -17.41 2.35
C GLU H 54 -10.09 -17.39 1.31
N THR H 55 -10.24 -18.48 0.56
CA THR H 55 -11.30 -18.57 -0.43
C THR H 55 -12.67 -18.54 0.23
N ARG H 56 -12.81 -19.21 1.37
CA ARG H 56 -14.07 -19.15 2.11
C ARG H 56 -14.38 -17.73 2.56
N GLY H 57 -13.36 -17.02 3.06
CA GLY H 57 -13.58 -15.64 3.45
C GLY H 57 -13.97 -14.74 2.29
N VAL H 58 -13.30 -14.91 1.15
CA VAL H 58 -13.63 -14.13 -0.04
C VAL H 58 -15.05 -14.41 -0.49
N LEU H 59 -15.44 -15.68 -0.52
CA LEU H 59 -16.79 -16.05 -0.93
C LEU H 59 -17.83 -15.47 0.03
N LYS H 60 -17.53 -15.50 1.33
CA LYS H 60 -18.47 -14.95 2.30
C LYS H 60 -18.63 -13.45 2.11
N VAL H 61 -17.53 -12.75 1.85
CA VAL H 61 -17.62 -11.30 1.63
C VAL H 61 -18.45 -11.00 0.38
N PHE H 62 -18.18 -11.74 -0.70
CA PHE H 62 -18.92 -11.53 -1.95
C PHE H 62 -20.41 -11.80 -1.77
N LEU H 63 -20.75 -12.91 -1.12
CA LEU H 63 -22.14 -13.25 -0.91
C LEU H 63 -22.82 -12.24 0.01
N GLU H 64 -22.12 -11.76 1.03
CA GLU H 64 -22.71 -10.73 1.90
C GLU H 64 -23.01 -9.47 1.11
N ASN H 65 -22.08 -9.05 0.26
CA ASN H 65 -22.30 -7.85 -0.54
C ASN H 65 -23.50 -8.01 -1.46
N VAL H 66 -23.62 -9.17 -2.12
CA VAL H 66 -24.73 -9.36 -3.05
C VAL H 66 -26.05 -9.49 -2.31
N ILE H 67 -26.07 -10.26 -1.22
CA ILE H 67 -27.31 -10.53 -0.50
C ILE H 67 -27.83 -9.28 0.18
N ARG H 68 -26.94 -8.40 0.68
CA ARG H 68 -27.43 -7.17 1.27
C ARG H 68 -28.24 -6.36 0.26
N ASP H 69 -27.73 -6.23 -0.96
CA ASP H 69 -28.47 -5.49 -1.99
C ASP H 69 -29.75 -6.21 -2.38
N ALA H 70 -29.69 -7.54 -2.50
CA ALA H 70 -30.89 -8.28 -2.87
C ALA H 70 -31.99 -8.12 -1.83
N VAL H 71 -31.63 -8.21 -0.55
CA VAL H 71 -32.62 -8.04 0.52
C VAL H 71 -33.11 -6.60 0.58
N THR H 72 -32.25 -5.63 0.26
CA THR H 72 -32.71 -4.24 0.20
C THR H 72 -33.77 -4.08 -0.89
N TYR H 73 -33.53 -4.66 -2.06
CA TYR H 73 -34.52 -4.61 -3.13
C TYR H 73 -35.81 -5.30 -2.71
N THR H 74 -35.70 -6.46 -2.05
CA THR H 74 -36.89 -7.18 -1.62
C THR H 74 -37.69 -6.38 -0.60
N GLU H 75 -36.99 -5.74 0.35
CA GLU H 75 -37.68 -4.94 1.36
C GLU H 75 -38.36 -3.73 0.75
N HIS H 76 -37.74 -3.12 -0.26
CA HIS H 76 -38.37 -1.98 -0.92
C HIS H 76 -39.69 -2.38 -1.56
N ALA H 77 -39.74 -3.57 -2.16
CA ALA H 77 -40.94 -4.05 -2.83
C ALA H 77 -41.99 -4.59 -1.87
N LYS H 78 -41.75 -4.49 -0.56
CA LYS H 78 -42.68 -5.01 0.45
C LYS H 78 -42.94 -6.50 0.25
N ARG H 79 -41.91 -7.23 -0.15
CA ARG H 79 -41.98 -8.67 -0.35
C ARG H 79 -41.15 -9.39 0.69
N LYS H 80 -41.51 -10.64 0.95
CA LYS H 80 -40.78 -11.50 1.86
C LYS H 80 -40.06 -12.64 1.12
N THR H 81 -40.09 -12.64 -0.20
CA THR H 81 -39.42 -13.65 -1.01
C THR H 81 -38.38 -12.99 -1.88
N VAL H 82 -37.15 -13.49 -1.84
CA VAL H 82 -36.07 -12.95 -2.66
C VAL H 82 -36.16 -13.59 -4.04
N THR H 83 -36.58 -12.81 -5.03
CA THR H 83 -36.74 -13.30 -6.38
C THR H 83 -35.40 -13.27 -7.12
N ALA H 84 -35.36 -13.93 -8.28
CA ALA H 84 -34.14 -13.96 -9.07
C ALA H 84 -33.79 -12.60 -9.62
N MET H 85 -34.80 -11.79 -9.97
CA MET H 85 -34.53 -10.46 -10.50
C MET H 85 -33.86 -9.58 -9.45
N ASP H 86 -34.16 -9.80 -8.17
CA ASP H 86 -33.46 -9.05 -7.13
C ASP H 86 -31.97 -9.36 -7.14
N VAL H 87 -31.62 -10.64 -7.28
CA VAL H 87 -30.21 -11.01 -7.36
C VAL H 87 -29.57 -10.45 -8.62
N VAL H 88 -30.31 -10.45 -9.72
CA VAL H 88 -29.76 -9.89 -10.96
C VAL H 88 -29.48 -8.40 -10.81
N TYR H 89 -30.41 -7.67 -10.18
CA TYR H 89 -30.19 -6.25 -9.94
C TYR H 89 -29.02 -6.01 -9.00
N ALA H 90 -28.90 -6.83 -7.95
CA ALA H 90 -27.79 -6.70 -7.03
C ALA H 90 -26.46 -6.92 -7.74
N LEU H 91 -26.41 -7.92 -8.63
CA LEU H 91 -25.19 -8.16 -9.39
C LEU H 91 -24.92 -7.03 -10.37
N LYS H 92 -25.98 -6.44 -10.93
CA LYS H 92 -25.81 -5.34 -11.87
C LYS H 92 -25.27 -4.10 -11.17
N ARG H 93 -25.62 -3.90 -9.91
CA ARG H 93 -25.06 -2.78 -9.16
C ARG H 93 -23.55 -2.92 -9.01
N GLN H 94 -23.08 -4.13 -8.74
CA GLN H 94 -21.65 -4.39 -8.58
C GLN H 94 -20.93 -4.58 -9.91
N GLY H 95 -21.57 -4.29 -11.02
CA GLY H 95 -20.95 -4.46 -12.32
C GLY H 95 -20.66 -5.90 -12.69
N ARG H 96 -21.58 -6.80 -12.40
CA ARG H 96 -21.44 -8.23 -12.67
C ARG H 96 -22.71 -8.78 -13.29
N THR H 97 -23.16 -8.12 -14.36
CA THR H 97 -24.41 -8.49 -15.02
C THR H 97 -24.45 -9.97 -15.36
N LEU H 98 -25.54 -10.63 -14.98
CA LEU H 98 -25.73 -12.05 -15.17
C LEU H 98 -26.88 -12.28 -16.13
N TYR H 99 -26.64 -13.10 -17.16
CA TYR H 99 -27.64 -13.43 -18.16
C TYR H 99 -28.25 -14.80 -17.86
N GLY H 100 -29.53 -14.94 -18.19
CA GLY H 100 -30.20 -16.22 -18.10
C GLY H 100 -31.18 -16.39 -16.96
N PHE H 101 -31.52 -15.33 -16.24
CA PHE H 101 -32.43 -15.40 -15.11
C PHE H 101 -33.47 -14.29 -15.17
N GLY H 102 -34.09 -14.13 -16.34
CA GLY H 102 -35.15 -13.15 -16.49
C GLY H 102 -34.75 -11.97 -17.35
N GLY H 103 -35.41 -10.84 -17.13
CA GLY H 103 -35.13 -9.64 -17.90
C GLY H 103 -36.28 -8.65 -17.92
N LYS I 45 -51.21 41.40 -4.48
CA LYS I 45 -52.05 40.65 -3.56
C LYS I 45 -51.31 40.39 -2.24
N THR I 46 -52.08 40.09 -1.19
CA THR I 46 -51.54 39.84 0.14
C THR I 46 -51.74 38.36 0.47
N ARG I 47 -50.72 37.56 0.23
CA ARG I 47 -50.71 36.16 0.60
C ARG I 47 -50.02 36.00 1.94
N ALA I 48 -49.79 34.75 2.35
CA ALA I 48 -48.95 34.49 3.50
C ALA I 48 -47.50 34.78 3.16
N LYS I 49 -46.71 35.07 4.20
CA LYS I 49 -45.30 35.35 3.99
C LYS I 49 -44.60 34.15 3.38
N ALA I 50 -43.80 34.40 2.35
CA ALA I 50 -43.15 33.32 1.61
C ALA I 50 -42.07 32.68 2.48
N LYS I 51 -42.26 31.41 2.82
CA LYS I 51 -41.30 30.65 3.60
C LYS I 51 -40.74 29.54 2.72
N THR I 52 -39.43 29.54 2.54
CA THR I 52 -38.80 28.57 1.65
C THR I 52 -38.92 27.16 2.23
N ARG I 53 -39.03 26.17 1.34
CA ARG I 53 -39.11 24.78 1.78
C ARG I 53 -37.84 24.34 2.47
N SER I 54 -36.70 24.97 2.15
CA SER I 54 -35.46 24.65 2.85
C SER I 54 -35.55 25.06 4.33
N SER I 55 -36.14 26.21 4.61
CA SER I 55 -36.29 26.64 6.00
C SER I 55 -37.33 25.81 6.73
N ARG I 56 -38.35 25.32 6.01
CA ARG I 56 -39.36 24.50 6.64
C ARG I 56 -38.79 23.18 7.15
N ALA I 57 -37.84 22.61 6.42
CA ALA I 57 -37.21 21.36 6.80
C ALA I 57 -35.92 21.54 7.57
N GLY I 58 -35.53 22.78 7.86
CA GLY I 58 -34.29 23.02 8.58
C GLY I 58 -33.06 22.57 7.81
N LEU I 59 -33.03 22.79 6.51
CA LEU I 59 -31.93 22.40 5.65
C LEU I 59 -31.30 23.63 5.02
N GLN I 60 -30.06 23.46 4.57
CA GLN I 60 -29.35 24.52 3.88
C GLN I 60 -29.36 24.34 2.36
N PHE I 61 -29.30 23.10 1.88
CA PHE I 61 -29.40 22.87 0.45
C PHE I 61 -30.81 23.14 -0.04
N PRO I 62 -30.96 23.60 -1.29
CA PRO I 62 -32.28 24.07 -1.75
C PRO I 62 -33.21 22.91 -2.07
N VAL I 63 -34.35 22.87 -1.39
CA VAL I 63 -35.34 21.85 -1.68
C VAL I 63 -36.00 22.11 -3.03
N GLY I 64 -36.29 23.37 -3.34
CA GLY I 64 -36.94 23.69 -4.60
C GLY I 64 -36.06 23.37 -5.80
N ARG I 65 -34.77 23.67 -5.71
CA ARG I 65 -33.88 23.37 -6.83
C ARG I 65 -33.75 21.88 -7.04
N VAL I 66 -33.66 21.10 -5.95
CA VAL I 66 -33.59 19.65 -6.10
C VAL I 66 -34.89 19.11 -6.68
N HIS I 67 -36.02 19.69 -6.28
CA HIS I 67 -37.30 19.29 -6.85
C HIS I 67 -37.33 19.54 -8.35
N ARG I 68 -36.86 20.72 -8.77
CA ARG I 68 -36.84 21.01 -10.21
C ARG I 68 -35.90 20.09 -10.95
N LEU I 69 -34.72 19.82 -10.39
CA LEU I 69 -33.76 18.96 -11.06
C LEU I 69 -34.28 17.54 -11.19
N LEU I 70 -34.95 17.03 -10.16
CA LEU I 70 -35.59 15.73 -10.27
C LEU I 70 -36.70 15.74 -11.31
N ARG I 71 -37.50 16.81 -11.33
CA ARG I 71 -38.63 16.88 -12.25
C ARG I 71 -38.16 16.96 -13.69
N LYS I 72 -37.14 17.75 -13.96
CA LYS I 72 -36.63 17.94 -15.32
C LYS I 72 -35.57 16.92 -15.72
N GLY I 73 -35.14 16.07 -14.79
CA GLY I 73 -34.13 15.09 -15.10
C GLY I 73 -34.62 13.83 -15.76
N ASN I 74 -35.93 13.70 -15.98
CA ASN I 74 -36.53 12.53 -16.61
C ASN I 74 -36.18 11.25 -15.84
N TYR I 75 -36.38 11.29 -14.53
CA TYR I 75 -36.18 10.13 -13.68
C TYR I 75 -37.47 9.36 -13.43
N ALA I 76 -38.59 10.05 -13.32
CA ALA I 76 -39.89 9.42 -13.20
C ALA I 76 -40.95 10.39 -13.69
N GLU I 77 -42.13 9.86 -13.96
CA GLU I 77 -43.23 10.71 -14.42
C GLU I 77 -43.64 11.71 -13.35
N ARG I 78 -43.64 11.28 -12.09
CA ARG I 78 -44.02 12.13 -10.97
C ARG I 78 -42.92 12.14 -9.92
N VAL I 79 -42.84 13.22 -9.17
CA VAL I 79 -41.89 13.37 -8.08
C VAL I 79 -42.65 13.77 -6.82
N GLY I 80 -42.41 13.03 -5.74
CA GLY I 80 -43.13 13.28 -4.51
C GLY I 80 -42.69 14.55 -3.82
N ALA I 81 -43.44 14.92 -2.79
CA ALA I 81 -43.12 16.12 -2.03
C ALA I 81 -41.91 15.90 -1.13
N GLY I 82 -41.84 14.74 -0.47
CA GLY I 82 -40.77 14.48 0.46
C GLY I 82 -39.46 14.01 -0.15
N ALA I 83 -39.49 13.59 -1.41
CA ALA I 83 -38.26 13.16 -2.06
C ALA I 83 -37.23 14.26 -2.18
N PRO I 84 -37.57 15.48 -2.63
CA PRO I 84 -36.56 16.55 -2.64
C PRO I 84 -36.01 16.84 -1.25
N VAL I 85 -36.85 16.80 -0.22
CA VAL I 85 -36.39 17.07 1.14
C VAL I 85 -35.39 16.01 1.58
N TYR I 86 -35.72 14.74 1.32
CA TYR I 86 -34.81 13.65 1.71
C TYR I 86 -33.49 13.75 0.96
N LEU I 87 -33.55 14.02 -0.35
CA LEU I 87 -32.32 14.12 -1.13
C LEU I 87 -31.47 15.30 -0.69
N ALA I 88 -32.11 16.44 -0.40
CA ALA I 88 -31.37 17.59 0.09
C ALA I 88 -30.72 17.31 1.42
N ALA I 89 -31.42 16.62 2.32
CA ALA I 89 -30.82 16.27 3.60
C ALA I 89 -29.61 15.36 3.42
N VAL I 90 -29.73 14.36 2.54
CA VAL I 90 -28.62 13.45 2.31
C VAL I 90 -27.41 14.20 1.74
N LEU I 91 -27.65 15.06 0.75
CA LEU I 91 -26.55 15.82 0.15
C LEU I 91 -25.91 16.75 1.17
N GLU I 92 -26.72 17.41 2.01
CA GLU I 92 -26.18 18.28 3.03
C GLU I 92 -25.33 17.51 4.02
N TYR I 93 -25.78 16.32 4.43
CA TYR I 93 -25.00 15.52 5.36
C TYR I 93 -23.67 15.11 4.76
N LEU I 94 -23.67 14.64 3.50
CA LEU I 94 -22.43 14.21 2.88
C LEU I 94 -21.46 15.39 2.73
N THR I 95 -21.97 16.54 2.29
CA THR I 95 -21.14 17.72 2.18
C THR I 95 -20.56 18.12 3.53
N ALA I 96 -21.38 18.08 4.58
CA ALA I 96 -20.90 18.45 5.90
C ALA I 96 -19.80 17.51 6.37
N GLU I 97 -19.97 16.21 6.15
CA GLU I 97 -18.95 15.25 6.58
C GLU I 97 -17.64 15.48 5.85
N ILE I 98 -17.69 15.59 4.53
CA ILE I 98 -16.46 15.73 3.76
C ILE I 98 -15.80 17.07 4.07
N LEU I 99 -16.58 18.13 4.29
CA LEU I 99 -16.01 19.42 4.62
C LEU I 99 -15.41 19.43 6.02
N GLU I 100 -16.02 18.72 6.96
CA GLU I 100 -15.44 18.63 8.30
C GLU I 100 -14.09 17.94 8.25
N LEU I 101 -14.00 16.83 7.51
CA LEU I 101 -12.72 16.15 7.38
C LEU I 101 -11.69 17.02 6.66
N ALA I 102 -12.12 17.73 5.62
CA ALA I 102 -11.21 18.61 4.90
C ALA I 102 -10.71 19.75 5.78
N GLY I 103 -11.58 20.32 6.59
CA GLY I 103 -11.16 21.39 7.50
C GLY I 103 -10.21 20.88 8.56
N ASN I 104 -10.44 19.66 9.06
CA ASN I 104 -9.47 19.07 9.98
C ASN I 104 -8.11 18.89 9.33
N ALA I 105 -8.11 18.44 8.07
CA ALA I 105 -6.84 18.30 7.35
C ALA I 105 -6.15 19.64 7.18
N ALA I 106 -6.92 20.68 6.83
CA ALA I 106 -6.35 22.01 6.65
C ALA I 106 -5.76 22.53 7.95
N ARG I 107 -6.46 22.33 9.06
CA ARG I 107 -5.93 22.75 10.36
C ARG I 107 -4.66 21.99 10.70
N ASP I 108 -4.63 20.69 10.40
CA ASP I 108 -3.42 19.92 10.64
C ASP I 108 -2.27 20.38 9.75
N ASN I 109 -2.58 20.98 8.61
CA ASN I 109 -1.57 21.54 7.71
C ASN I 109 -1.29 23.01 7.97
N LYS I 110 -1.93 23.60 8.99
CA LYS I 110 -1.71 24.99 9.39
C LYS I 110 -2.10 25.96 8.29
N LYS I 111 -3.30 25.78 7.75
CA LYS I 111 -3.86 26.67 6.75
C LYS I 111 -5.34 26.89 7.04
N THR I 112 -5.84 28.05 6.64
CA THR I 112 -7.23 28.44 6.92
C THR I 112 -8.13 28.39 5.68
N ARG I 113 -7.63 27.88 4.57
CA ARG I 113 -8.42 27.69 3.37
C ARG I 113 -8.32 26.23 2.93
N ILE I 114 -9.44 25.67 2.51
CA ILE I 114 -9.49 24.30 2.03
C ILE I 114 -9.10 24.29 0.56
N ILE I 115 -8.15 23.43 0.22
CA ILE I 115 -7.65 23.31 -1.15
C ILE I 115 -7.92 21.89 -1.62
N PRO I 116 -7.75 21.57 -2.91
CA PRO I 116 -7.98 20.18 -3.35
C PRO I 116 -7.17 19.14 -2.62
N ARG I 117 -5.95 19.46 -2.20
CA ARG I 117 -5.12 18.50 -1.49
C ARG I 117 -5.78 18.07 -0.19
N HIS I 118 -6.40 19.01 0.52
CA HIS I 118 -7.07 18.69 1.76
C HIS I 118 -8.27 17.77 1.52
N LEU I 119 -9.03 18.03 0.45
CA LEU I 119 -10.15 17.16 0.12
C LEU I 119 -9.65 15.75 -0.21
N GLN I 120 -8.55 15.64 -0.96
CA GLN I 120 -8.01 14.33 -1.28
C GLN I 120 -7.57 13.60 -0.02
N LEU I 121 -6.90 14.31 0.90
CA LEU I 121 -6.50 13.70 2.16
C LEU I 121 -7.70 13.22 2.95
N ALA I 122 -8.75 14.06 3.02
CA ALA I 122 -9.94 13.69 3.77
C ALA I 122 -10.63 12.47 3.17
N VAL I 123 -10.73 12.41 1.84
CA VAL I 123 -11.42 11.30 1.20
C VAL I 123 -10.62 10.02 1.35
N ARG I 124 -9.31 10.07 1.12
CA ARG I 124 -8.52 8.85 1.14
C ARG I 124 -8.14 8.40 2.55
N ASN I 125 -8.31 9.23 3.56
CA ASN I 125 -8.04 8.81 4.93
C ASN I 125 -9.26 8.24 5.64
N ASP I 126 -10.44 8.30 5.03
CA ASP I 126 -11.66 7.75 5.61
C ASP I 126 -12.11 6.57 4.77
N GLU I 127 -12.36 5.44 5.44
CA GLU I 127 -12.68 4.21 4.72
C GLU I 127 -13.99 4.33 3.95
N GLU I 128 -15.02 4.89 4.59
CA GLU I 128 -16.33 4.97 3.94
C GLU I 128 -16.31 5.96 2.78
N LEU I 129 -15.70 7.12 2.97
CA LEU I 129 -15.61 8.09 1.88
C LEU I 129 -14.75 7.55 0.74
N ASN I 130 -13.67 6.85 1.07
CA ASN I 130 -12.84 6.25 0.02
C ASN I 130 -13.62 5.21 -0.76
N LYS I 131 -14.44 4.41 -0.07
CA LYS I 131 -15.27 3.43 -0.77
C LYS I 131 -16.29 4.11 -1.66
N LEU I 132 -16.89 5.20 -1.17
CA LEU I 132 -17.87 5.92 -1.97
C LEU I 132 -17.24 6.54 -3.21
N LEU I 133 -16.02 7.04 -3.09
CA LEU I 133 -15.33 7.72 -4.17
C LEU I 133 -14.13 6.92 -4.66
N GLY I 134 -14.28 5.61 -4.77
CA GLY I 134 -13.17 4.76 -5.16
C GLY I 134 -12.68 5.03 -6.58
N ARG I 135 -13.62 5.26 -7.50
CA ARG I 135 -13.29 5.52 -8.90
C ARG I 135 -13.43 7.00 -9.25
N VAL I 136 -13.05 7.88 -8.33
CA VAL I 136 -13.14 9.32 -8.52
C VAL I 136 -11.73 9.90 -8.44
N THR I 137 -11.36 10.69 -9.45
CA THR I 137 -10.08 11.40 -9.46
C THR I 137 -10.34 12.86 -9.12
N ILE I 138 -9.68 13.34 -8.08
CA ILE I 138 -9.81 14.72 -7.63
C ILE I 138 -8.65 15.52 -8.20
N ALA I 139 -8.99 16.61 -8.89
CA ALA I 139 -7.98 17.42 -9.56
C ALA I 139 -7.08 18.10 -8.54
N GLN I 140 -5.78 18.12 -8.85
CA GLN I 140 -4.78 18.79 -8.02
C GLN I 140 -4.81 18.27 -6.59
N GLY I 141 -5.00 16.95 -6.45
CA GLY I 141 -5.13 16.37 -5.13
C GLY I 141 -3.95 15.52 -4.71
N GLY I 142 -3.19 15.03 -5.69
CA GLY I 142 -2.05 14.21 -5.33
C GLY I 142 -2.48 12.85 -4.81
N VAL I 143 -1.56 12.22 -4.08
CA VAL I 143 -1.78 10.90 -3.51
C VAL I 143 -1.34 10.92 -2.05
N LEU I 144 -1.83 9.94 -1.29
CA LEU I 144 -1.44 9.81 0.09
C LEU I 144 0.03 9.41 0.21
N PRO I 145 0.72 9.90 1.23
CA PRO I 145 2.08 9.42 1.48
C PRO I 145 2.09 7.96 1.90
N ASN I 146 2.66 7.09 1.06
CA ASN I 146 2.66 5.66 1.34
C ASN I 146 3.86 5.04 0.64
N ILE I 147 4.89 4.72 1.41
CA ILE I 147 6.08 4.04 0.92
C ILE I 147 6.08 2.64 1.51
N GLN I 148 6.26 1.64 0.66
CA GLN I 148 6.22 0.25 1.12
C GLN I 148 7.37 -0.05 2.06
N SER I 149 7.13 -0.98 2.99
CA SER I 149 8.10 -1.27 4.03
C SER I 149 9.34 -1.94 3.46
N VAL I 150 9.21 -2.71 2.38
CA VAL I 150 10.35 -3.41 1.80
C VAL I 150 11.37 -2.42 1.27
N LEU I 151 10.91 -1.32 0.68
CA LEU I 151 11.80 -0.35 0.07
C LEU I 151 12.55 0.51 1.08
N LEU I 152 12.02 0.67 2.28
CA LEU I 152 12.69 1.50 3.27
C LEU I 152 14.03 0.87 3.67
N PRO I 153 15.06 1.67 3.94
CA PRO I 153 16.36 1.10 4.25
C PRO I 153 16.37 0.39 5.59
N LYS I 154 17.14 -0.68 5.68
CA LYS I 154 17.27 -1.45 6.90
C LYS I 154 18.71 -1.95 7.08
N ARG J 28 -23.81 40.70 -20.82
CA ARG J 28 -24.84 39.82 -20.29
C ARG J 28 -24.79 38.45 -20.95
N LYS J 29 -25.02 37.40 -20.15
CA LYS J 29 -25.01 36.03 -20.65
C LYS J 29 -26.05 35.23 -19.88
N THR J 30 -26.20 33.96 -20.24
CA THR J 30 -27.11 33.07 -19.53
C THR J 30 -26.50 32.68 -18.20
N ARG J 31 -27.25 32.89 -17.13
CA ARG J 31 -26.74 32.60 -15.79
C ARG J 31 -26.68 31.09 -15.55
N LYS J 32 -25.60 30.65 -14.92
CA LYS J 32 -25.40 29.24 -14.61
C LYS J 32 -25.51 29.03 -13.10
N GLU J 33 -26.12 27.92 -12.71
CA GLU J 33 -26.39 27.62 -11.31
C GLU J 33 -25.33 26.66 -10.77
N SER J 34 -25.03 26.81 -9.49
CA SER J 34 -24.06 25.97 -8.80
C SER J 34 -24.42 25.93 -7.33
N TYR J 35 -23.83 24.97 -6.61
CA TYR J 35 -24.07 24.78 -5.19
C TYR J 35 -23.07 25.53 -4.32
N ALA J 36 -22.52 26.63 -4.81
CA ALA J 36 -21.46 27.32 -4.08
C ALA J 36 -21.95 27.88 -2.76
N ILE J 37 -23.09 28.58 -2.78
CA ILE J 37 -23.56 29.26 -1.58
C ILE J 37 -23.92 28.25 -0.50
N TYR J 38 -24.55 27.13 -0.88
CA TYR J 38 -24.97 26.15 0.11
C TYR J 38 -23.77 25.43 0.71
N VAL J 39 -22.78 25.10 -0.12
CA VAL J 39 -21.55 24.49 0.39
C VAL J 39 -20.86 25.45 1.36
N TYR J 40 -20.84 26.74 1.02
CA TYR J 40 -20.23 27.72 1.92
C TYR J 40 -20.99 27.83 3.23
N LYS J 41 -22.32 27.81 3.19
CA LYS J 41 -23.09 27.87 4.42
C LYS J 41 -22.85 26.64 5.30
N VAL J 42 -22.80 25.46 4.68
CA VAL J 42 -22.51 24.25 5.44
C VAL J 42 -21.12 24.31 6.05
N LEU J 43 -20.14 24.81 5.28
CA LEU J 43 -18.79 24.92 5.80
C LEU J 43 -18.73 25.89 6.98
N LYS J 44 -19.44 27.01 6.89
CA LYS J 44 -19.48 27.95 8.00
C LYS J 44 -20.13 27.34 9.23
N GLN J 45 -21.18 26.53 9.02
CA GLN J 45 -21.80 25.86 10.16
C GLN J 45 -20.85 24.86 10.80
N VAL J 46 -20.08 24.12 9.99
CA VAL J 46 -19.16 23.13 10.53
C VAL J 46 -17.92 23.81 11.11
N HIS J 47 -17.19 24.55 10.27
CA HIS J 47 -15.98 25.26 10.68
C HIS J 47 -16.18 26.75 10.48
N PRO J 48 -16.54 27.50 11.53
CA PRO J 48 -16.79 28.94 11.34
C PRO J 48 -15.57 29.73 10.88
N ASP J 49 -14.37 29.32 11.26
CA ASP J 49 -13.16 30.09 11.00
C ASP J 49 -12.28 29.42 9.94
N THR J 50 -12.89 28.83 8.92
CA THR J 50 -12.18 28.17 7.84
C THR J 50 -12.77 28.62 6.51
N GLY J 51 -11.92 28.68 5.49
CA GLY J 51 -12.32 29.13 4.18
C GLY J 51 -12.18 28.04 3.12
N ILE J 52 -12.58 28.40 1.91
CA ILE J 52 -12.58 27.49 0.77
C ILE J 52 -11.91 28.18 -0.39
N SER J 53 -11.40 27.38 -1.33
CA SER J 53 -10.79 27.89 -2.55
C SER J 53 -11.71 27.62 -3.73
N SER J 54 -11.46 28.35 -4.83
CA SER J 54 -12.30 28.19 -6.01
C SER J 54 -12.21 26.78 -6.57
N LYS J 55 -11.00 26.22 -6.62
CA LYS J 55 -10.86 24.84 -7.07
C LYS J 55 -11.57 23.87 -6.13
N ALA J 56 -11.45 24.11 -4.82
CA ALA J 56 -12.15 23.26 -3.86
C ALA J 56 -13.66 23.39 -4.00
N MET J 57 -14.14 24.61 -4.25
CA MET J 57 -15.57 24.80 -4.44
C MET J 57 -16.06 24.09 -5.69
N SER J 58 -15.30 24.14 -6.77
CA SER J 58 -15.68 23.41 -7.98
C SER J 58 -15.69 21.91 -7.74
N ILE J 59 -14.70 21.40 -6.99
CA ILE J 59 -14.65 19.98 -6.68
C ILE J 59 -15.87 19.57 -5.85
N MET J 60 -16.22 20.38 -4.85
CA MET J 60 -17.39 20.08 -4.04
C MET J 60 -18.66 20.12 -4.87
N ASN J 61 -18.76 21.07 -5.79
CA ASN J 61 -19.94 21.13 -6.66
C ASN J 61 -20.04 19.88 -7.53
N SER J 62 -18.92 19.43 -8.09
CA SER J 62 -18.91 18.20 -8.87
C SER J 62 -19.30 17.01 -8.02
N PHE J 63 -18.83 16.96 -6.78
CA PHE J 63 -19.19 15.86 -5.89
C PHE J 63 -20.69 15.84 -5.60
N VAL J 64 -21.27 17.01 -5.33
CA VAL J 64 -22.71 17.09 -5.08
C VAL J 64 -23.49 16.65 -6.30
N ASN J 65 -23.07 17.10 -7.49
CA ASN J 65 -23.76 16.70 -8.70
C ASN J 65 -23.66 15.19 -8.93
N ASP J 66 -22.48 14.61 -8.68
CA ASP J 66 -22.31 13.18 -8.87
C ASP J 66 -23.18 12.37 -7.92
N VAL J 67 -23.22 12.76 -6.64
CA VAL J 67 -24.05 12.03 -5.68
C VAL J 67 -25.52 12.18 -6.03
N PHE J 68 -25.94 13.37 -6.44
CA PHE J 68 -27.32 13.58 -6.86
C PHE J 68 -27.66 12.68 -8.04
N GLU J 69 -26.77 12.60 -9.03
CA GLU J 69 -27.03 11.75 -10.19
C GLU J 69 -27.11 10.29 -9.80
N ARG J 70 -26.20 9.83 -8.93
CA ARG J 70 -26.24 8.44 -8.50
C ARG J 70 -27.55 8.12 -7.80
N ILE J 71 -27.94 8.93 -6.81
CA ILE J 71 -29.14 8.64 -6.04
C ILE J 71 -30.38 8.72 -6.93
N ALA J 72 -30.45 9.73 -7.80
CA ALA J 72 -31.60 9.88 -8.67
C ALA J 72 -31.73 8.72 -9.64
N GLY J 73 -30.60 8.28 -10.22
CA GLY J 73 -30.65 7.14 -11.12
C GLY J 73 -31.06 5.87 -10.42
N GLU J 74 -30.55 5.62 -9.22
CA GLU J 74 -30.94 4.44 -8.47
C GLU J 74 -32.43 4.48 -8.12
N ALA J 75 -32.93 5.66 -7.73
CA ALA J 75 -34.35 5.78 -7.42
C ALA J 75 -35.20 5.55 -8.66
N SER J 76 -34.75 6.05 -9.82
CA SER J 76 -35.49 5.81 -11.05
C SER J 76 -35.52 4.33 -11.39
N ARG J 77 -34.39 3.63 -11.21
CA ARG J 77 -34.37 2.19 -11.46
C ARG J 77 -35.30 1.46 -10.50
N LEU J 78 -35.32 1.87 -9.23
CA LEU J 78 -36.20 1.24 -8.26
C LEU J 78 -37.67 1.45 -8.64
N ALA J 79 -38.02 2.67 -9.05
CA ALA J 79 -39.40 2.94 -9.46
C ALA J 79 -39.78 2.13 -10.69
N HIS J 80 -38.87 2.02 -11.65
CA HIS J 80 -39.15 1.27 -12.86
C HIS J 80 -39.31 -0.21 -12.57
N TYR J 81 -38.49 -0.76 -11.67
CA TYR J 81 -38.54 -2.18 -11.37
C TYR J 81 -39.84 -2.56 -10.69
N ASN J 82 -40.33 -1.73 -9.77
CA ASN J 82 -41.54 -2.02 -9.03
C ASN J 82 -42.80 -1.46 -9.72
N LYS J 83 -42.69 -1.10 -10.99
CA LYS J 83 -43.82 -0.64 -11.80
C LYS J 83 -44.47 0.61 -11.22
N ARG J 84 -43.76 1.34 -10.37
CA ARG J 84 -44.23 2.63 -9.89
C ARG J 84 -43.93 3.71 -10.93
N SER J 85 -44.58 4.86 -10.76
CA SER J 85 -44.36 6.00 -11.64
C SER J 85 -44.02 7.27 -10.87
N THR J 86 -43.75 7.17 -9.57
CA THR J 86 -43.45 8.33 -8.74
C THR J 86 -42.24 8.04 -7.88
N ILE J 87 -41.32 8.99 -7.82
CA ILE J 87 -40.18 8.91 -6.91
C ILE J 87 -40.58 9.57 -5.60
N THR J 88 -40.60 8.79 -4.53
CA THR J 88 -40.93 9.27 -3.20
C THR J 88 -39.74 9.09 -2.27
N SER J 89 -39.92 9.52 -1.02
CA SER J 89 -38.83 9.44 -0.05
C SER J 89 -38.40 8.01 0.21
N ARG J 90 -39.33 7.06 0.03
CA ARG J 90 -38.98 5.65 0.23
C ARG J 90 -37.96 5.17 -0.80
N GLU J 91 -38.15 5.56 -2.07
CA GLU J 91 -37.20 5.20 -3.10
C GLU J 91 -35.85 5.84 -2.86
N ILE J 92 -35.84 7.10 -2.41
CA ILE J 92 -34.58 7.78 -2.11
C ILE J 92 -33.87 7.09 -0.96
N GLN J 93 -34.62 6.68 0.06
CA GLN J 93 -34.01 5.97 1.20
C GLN J 93 -33.40 4.65 0.75
N THR J 94 -34.12 3.90 -0.09
CA THR J 94 -33.57 2.65 -0.59
C THR J 94 -32.32 2.88 -1.43
N ALA J 95 -32.33 3.93 -2.26
CA ALA J 95 -31.16 4.24 -3.07
C ALA J 95 -29.97 4.62 -2.22
N VAL J 96 -30.20 5.40 -1.16
CA VAL J 96 -29.13 5.77 -0.24
C VAL J 96 -28.57 4.53 0.43
N ARG J 97 -29.44 3.61 0.85
CA ARG J 97 -28.97 2.37 1.45
C ARG J 97 -28.15 1.55 0.47
N LEU J 98 -28.55 1.56 -0.81
CA LEU J 98 -27.82 0.76 -1.80
C LEU J 98 -26.49 1.40 -2.18
N LEU J 99 -26.37 2.71 -2.09
CA LEU J 99 -25.17 3.40 -2.56
C LEU J 99 -24.15 3.64 -1.44
N LEU J 100 -24.55 4.35 -0.40
CA LEU J 100 -23.61 4.73 0.65
C LEU J 100 -23.23 3.51 1.48
N PRO J 101 -21.95 3.30 1.78
CA PRO J 101 -21.54 2.14 2.56
C PRO J 101 -21.44 2.40 4.05
N GLY J 102 -21.86 1.43 4.84
CA GLY J 102 -21.61 1.46 6.27
C GLY J 102 -22.40 2.54 6.99
N GLU J 103 -21.74 3.16 7.96
CA GLU J 103 -22.40 4.13 8.83
C GLU J 103 -22.88 5.36 8.08
N LEU J 104 -22.28 5.66 6.93
CA LEU J 104 -22.76 6.78 6.11
C LEU J 104 -24.22 6.60 5.76
N ALA J 105 -24.60 5.38 5.36
CA ALA J 105 -26.00 5.13 5.01
C ALA J 105 -26.92 5.33 6.20
N LYS J 106 -26.52 4.83 7.37
CA LYS J 106 -27.36 4.97 8.56
C LYS J 106 -27.56 6.43 8.92
N HIS J 107 -26.47 7.21 8.94
CA HIS J 107 -26.59 8.61 9.30
C HIS J 107 -27.36 9.41 8.25
N ALA J 108 -27.17 9.08 6.97
CA ALA J 108 -27.92 9.75 5.92
C ALA J 108 -29.41 9.46 6.05
N VAL J 109 -29.77 8.21 6.34
CA VAL J 109 -31.17 7.86 6.52
C VAL J 109 -31.74 8.60 7.72
N SER J 110 -30.98 8.69 8.81
CA SER J 110 -31.45 9.42 9.98
C SER J 110 -31.71 10.89 9.64
N GLU J 111 -30.77 11.53 8.95
CA GLU J 111 -30.92 12.93 8.60
C GLU J 111 -32.12 13.14 7.67
N GLY J 112 -32.28 12.25 6.68
CA GLY J 112 -33.41 12.38 5.78
C GLY J 112 -34.75 12.20 6.47
N THR J 113 -34.82 11.22 7.38
CA THR J 113 -36.06 11.01 8.11
C THR J 113 -36.39 12.22 8.99
N LYS J 114 -35.38 12.78 9.66
CA LYS J 114 -35.61 13.97 10.46
C LYS J 114 -36.11 15.13 9.60
N ALA J 115 -35.48 15.31 8.44
CA ALA J 115 -35.88 16.40 7.55
C ALA J 115 -37.32 16.23 7.07
N VAL J 116 -37.69 15.01 6.68
CA VAL J 116 -39.03 14.76 6.19
C VAL J 116 -40.06 14.96 7.30
N THR J 117 -39.75 14.49 8.51
CA THR J 117 -40.67 14.69 9.62
C THR J 117 -40.86 16.16 9.94
N LYS J 118 -39.77 16.93 9.95
CA LYS J 118 -39.90 18.36 10.20
C LYS J 118 -40.68 19.05 9.08
N TYR J 119 -40.44 18.64 7.84
CA TYR J 119 -41.16 19.25 6.72
C TYR J 119 -42.65 18.98 6.80
N THR J 120 -43.03 17.75 7.15
CA THR J 120 -44.45 17.43 7.26
C THR J 120 -45.08 18.11 8.48
N SER J 121 -44.35 18.21 9.58
CA SER J 121 -44.89 18.84 10.78
C SER J 121 -45.19 20.31 10.55
N ALA J 122 -44.30 21.01 9.87
CA ALA J 122 -44.49 22.43 9.59
C ALA J 122 -45.24 22.63 8.28
N GLY K 54 23.69 4.06 46.52
CA GLY K 54 24.46 5.00 45.72
C GLY K 54 25.88 5.18 46.20
N HIS K 55 26.72 5.76 45.36
CA HIS K 55 28.11 6.00 45.73
C HIS K 55 28.20 7.02 46.86
N ARG K 56 29.09 6.77 47.81
CA ARG K 56 29.22 7.65 48.96
C ARG K 56 29.81 8.99 48.55
N THR K 57 29.21 10.07 49.02
CA THR K 57 29.72 11.42 48.83
C THR K 57 30.44 11.89 50.08
N LEU K 58 31.14 13.02 49.96
CA LEU K 58 31.96 13.51 51.07
C LEU K 58 31.11 13.81 52.30
N ALA K 59 29.82 14.12 52.12
CA ALA K 59 28.93 14.41 53.23
C ALA K 59 28.01 13.25 53.58
N SER K 60 28.26 12.06 53.01
CA SER K 60 27.38 10.92 53.26
C SER K 60 27.73 10.23 54.57
N THR K 61 28.93 9.68 54.67
CA THR K 61 29.37 8.92 55.84
C THR K 61 30.72 9.46 56.30
N PRO K 62 30.73 10.47 57.18
CA PRO K 62 32.01 11.03 57.64
C PRO K 62 32.89 10.03 58.39
N ALA K 63 32.30 8.99 58.98
CA ALA K 63 33.04 8.02 59.78
C ALA K 63 33.45 6.79 58.98
N LEU K 64 33.18 6.77 57.67
CA LEU K 64 33.48 5.62 56.83
C LEU K 64 34.55 5.93 55.79
N TRP K 65 35.57 6.68 56.18
CA TRP K 65 36.65 7.07 55.28
C TRP K 65 37.97 6.50 55.77
N ALA K 66 38.94 6.45 54.84
CA ALA K 66 40.30 6.04 55.15
C ALA K 66 41.24 6.96 54.38
N SER K 67 42.05 7.72 55.11
CA SER K 67 42.92 8.73 54.51
C SER K 67 44.35 8.22 54.46
N ILE K 68 45.00 8.39 53.31
CA ILE K 68 46.39 7.99 53.14
C ILE K 68 47.18 9.18 52.60
N PRO K 69 48.46 9.30 52.94
CA PRO K 69 49.26 10.44 52.43
C PRO K 69 49.48 10.35 50.92
N CYS K 70 48.88 11.29 50.19
CA CYS K 70 48.97 11.29 48.72
C CYS K 70 48.78 12.71 48.24
N PRO K 71 49.86 13.46 48.03
CA PRO K 71 49.74 14.86 47.61
C PRO K 71 49.21 14.97 46.19
N ARG K 72 48.64 16.14 45.89
CA ARG K 72 48.09 16.40 44.56
C ARG K 72 49.18 16.36 43.49
N SER K 73 50.39 16.82 43.82
CA SER K 73 51.47 16.82 42.83
C SER K 73 51.88 15.41 42.44
N GLU K 74 51.87 14.48 43.41
CA GLU K 74 52.32 13.11 43.14
C GLU K 74 51.25 12.23 42.51
N LEU K 75 49.99 12.64 42.51
CA LEU K 75 48.95 11.79 41.95
C LEU K 75 47.76 12.66 41.52
N ARG K 76 47.18 12.31 40.37
CA ARG K 76 45.98 12.95 39.85
C ARG K 76 44.98 11.85 39.51
N LEU K 77 43.89 11.77 40.27
CA LEU K 77 42.91 10.72 40.07
C LEU K 77 42.23 10.85 38.70
N ASP K 78 41.94 12.09 38.29
CA ASP K 78 41.25 12.32 37.02
C ASP K 78 42.15 12.14 35.80
N LEU K 79 43.46 11.97 36.00
CA LEU K 79 44.40 11.82 34.90
C LEU K 79 44.96 10.41 34.77
N VAL K 80 44.54 9.48 35.63
CA VAL K 80 45.11 8.14 35.62
C VAL K 80 44.02 7.10 35.34
N LEU K 81 43.03 7.05 36.23
CA LEU K 81 41.99 6.02 36.11
C LEU K 81 41.20 6.11 34.81
N PRO K 82 40.71 7.29 34.37
CA PRO K 82 40.00 7.35 33.09
C PRO K 82 40.91 7.38 31.87
N SER K 83 42.22 7.27 32.06
CA SER K 83 43.18 7.32 30.95
C SER K 83 43.42 5.94 30.33
N GLY K 84 42.49 5.01 30.50
CA GLY K 84 42.61 3.69 29.92
C GLY K 84 43.44 2.70 30.70
N GLN K 85 43.98 3.09 31.86
CA GLN K 85 44.75 2.14 32.67
C GLN K 85 43.87 1.10 33.32
N SER K 86 42.58 1.35 33.48
CA SER K 86 41.64 0.38 34.01
C SER K 86 40.28 0.63 33.41
N PHE K 87 39.50 -0.44 33.26
CA PHE K 87 38.19 -0.38 32.62
C PHE K 87 37.09 -0.83 33.58
N ARG K 88 37.31 -0.67 34.87
CA ARG K 88 36.32 -1.04 35.88
C ARG K 88 35.96 0.12 36.81
N TRP K 89 36.35 1.35 36.46
CA TRP K 89 36.09 2.52 37.28
C TRP K 89 35.18 3.48 36.52
N ARG K 90 34.15 3.96 37.21
CA ARG K 90 33.17 4.86 36.62
C ARG K 90 33.05 6.11 37.49
N GLU K 91 32.65 7.21 36.86
CA GLU K 91 32.50 8.49 37.53
C GLU K 91 31.03 8.87 37.56
N GLN K 92 30.50 9.12 38.75
CA GLN K 92 29.14 9.59 38.94
C GLN K 92 29.10 11.00 39.54
N SER K 93 29.87 11.23 40.60
CA SER K 93 30.07 12.53 41.22
C SER K 93 31.48 13.03 40.94
N PRO K 94 31.71 14.34 40.93
CA PRO K 94 33.04 14.86 40.59
C PRO K 94 34.09 14.39 41.59
N ALA K 95 35.30 14.14 41.05
CA ALA K 95 36.46 13.72 41.84
C ALA K 95 36.17 12.42 42.62
N HIS K 96 35.41 11.52 41.99
CA HIS K 96 35.09 10.23 42.59
C HIS K 96 35.31 9.13 41.57
N TRP K 97 35.80 7.98 42.05
CA TRP K 97 35.91 6.79 41.21
C TRP K 97 35.54 5.57 42.05
N SER K 98 35.05 4.52 41.39
CA SER K 98 34.61 3.32 42.09
C SER K 98 34.88 2.09 41.24
N GLY K 99 35.50 1.08 41.85
CA GLY K 99 35.81 -0.14 41.13
C GLY K 99 35.97 -1.29 42.09
N VAL K 100 35.70 -2.50 41.60
CA VAL K 100 35.73 -3.70 42.43
C VAL K 100 37.09 -4.36 42.30
N LEU K 101 37.78 -4.54 43.42
CA LEU K 101 39.04 -5.25 43.49
C LEU K 101 39.02 -6.18 44.69
N ALA K 102 39.54 -7.39 44.51
CA ALA K 102 39.61 -8.39 45.58
C ALA K 102 38.24 -8.64 46.21
N ASP K 103 37.21 -8.67 45.37
CA ASP K 103 35.83 -8.91 45.79
C ASP K 103 35.34 -7.86 46.78
N GLN K 104 35.90 -6.65 46.71
CA GLN K 104 35.45 -5.53 47.53
C GLN K 104 35.43 -4.28 46.67
N VAL K 105 34.40 -3.45 46.84
CA VAL K 105 34.24 -2.25 46.01
C VAL K 105 34.98 -1.10 46.70
N TRP K 106 35.97 -0.54 46.02
CA TRP K 106 36.74 0.59 46.53
C TRP K 106 36.30 1.85 45.81
N THR K 107 35.96 2.88 46.58
CA THR K 107 35.66 4.20 46.05
C THR K 107 36.72 5.17 46.52
N LEU K 108 37.33 5.89 45.58
CA LEU K 108 38.48 6.75 45.82
C LEU K 108 38.16 8.19 45.44
N THR K 109 38.63 9.11 46.28
CA THR K 109 38.59 10.54 45.99
C THR K 109 39.92 11.16 46.40
N GLN K 110 40.26 12.28 45.76
CA GLN K 110 41.53 12.95 45.96
C GLN K 110 41.31 14.31 46.61
N THR K 111 42.04 14.56 47.70
CA THR K 111 42.03 15.85 48.37
C THR K 111 43.30 16.62 47.99
N GLU K 112 43.53 17.74 48.67
CA GLU K 112 44.68 18.59 48.35
C GLU K 112 46.00 17.86 48.59
N GLU K 113 46.09 17.11 49.68
CA GLU K 113 47.33 16.41 50.01
C GLU K 113 47.13 14.98 50.49
N GLN K 114 45.90 14.47 50.52
CA GLN K 114 45.63 13.11 50.97
C GLN K 114 44.65 12.45 50.02
N LEU K 115 44.63 11.12 50.05
CA LEU K 115 43.71 10.33 49.24
C LEU K 115 42.75 9.60 50.17
N HIS K 116 41.45 9.73 49.91
CA HIS K 116 40.43 9.13 50.75
C HIS K 116 39.78 7.96 50.03
N CYS K 117 39.58 6.86 50.77
CA CYS K 117 39.01 5.65 50.22
C CYS K 117 37.92 5.12 51.14
N THR K 118 36.91 4.50 50.54
CA THR K 118 35.85 3.82 51.28
C THR K 118 35.58 2.46 50.64
N VAL K 119 35.09 1.53 51.45
CA VAL K 119 34.99 0.12 51.07
C VAL K 119 33.55 -0.34 51.20
N TYR K 120 33.08 -1.08 50.18
CA TYR K 120 31.81 -1.78 50.21
C TYR K 120 32.10 -3.27 50.17
N ARG K 121 31.47 -4.02 51.07
CA ARG K 121 31.69 -5.45 51.17
C ARG K 121 30.39 -6.23 50.99
N SER K 125 30.58 -6.29 55.49
CA SER K 125 29.38 -5.87 54.77
C SER K 125 28.78 -4.62 55.40
N GLN K 126 28.84 -4.53 56.72
CA GLN K 126 28.30 -3.39 57.47
C GLN K 126 29.29 -2.95 58.55
N ALA K 127 30.57 -2.86 58.18
CA ALA K 127 31.62 -2.49 59.12
C ALA K 127 32.42 -1.32 58.57
N SER K 128 32.96 -0.51 59.47
CA SER K 128 33.78 0.64 59.14
C SER K 128 35.22 0.37 59.55
N ARG K 129 36.07 1.40 59.41
CA ARG K 129 37.48 1.34 59.77
C ARG K 129 38.17 0.16 59.08
N PRO K 130 38.44 0.25 57.78
CA PRO K 130 39.06 -0.88 57.07
C PRO K 130 40.41 -1.25 57.67
N THR K 131 40.69 -2.54 57.65
CA THR K 131 41.90 -3.07 58.29
C THR K 131 43.16 -2.57 57.55
N PRO K 132 44.28 -2.46 58.27
CA PRO K 132 45.50 -1.95 57.64
C PRO K 132 46.02 -2.79 56.49
N ASP K 133 45.67 -4.08 56.43
CA ASP K 133 46.10 -4.91 55.31
C ASP K 133 45.50 -4.41 54.00
N GLU K 134 44.25 -3.94 54.04
CA GLU K 134 43.64 -3.33 52.86
C GLU K 134 44.38 -2.06 52.45
N LEU K 135 44.81 -1.26 53.44
CA LEU K 135 45.60 -0.06 53.14
C LEU K 135 46.92 -0.43 52.48
N GLU K 136 47.58 -1.49 52.98
CA GLU K 136 48.81 -1.94 52.35
C GLU K 136 48.56 -2.42 50.93
N ALA K 137 47.46 -3.14 50.72
CA ALA K 137 47.14 -3.64 49.37
C ALA K 137 46.89 -2.48 48.41
N VAL K 138 46.13 -1.46 48.84
CA VAL K 138 45.86 -0.34 47.95
C VAL K 138 47.11 0.50 47.73
N ARG K 139 47.99 0.58 48.74
CA ARG K 139 49.25 1.29 48.58
C ARG K 139 50.13 0.59 47.55
N LYS K 140 50.19 -0.74 47.59
CA LYS K 140 50.89 -1.49 46.56
C LYS K 140 50.23 -1.28 45.20
N TYR K 141 48.90 -1.24 45.18
CA TYR K 141 48.17 -1.02 43.94
C TYR K 141 48.47 0.34 43.34
N PHE K 142 48.77 1.33 44.16
CA PHE K 142 49.04 2.69 43.70
C PHE K 142 50.51 3.07 43.73
N GLN K 143 51.39 2.16 44.16
CA GLN K 143 52.84 2.43 44.24
C GLN K 143 53.13 3.70 45.03
N LEU K 144 52.54 3.79 46.22
CA LEU K 144 52.78 4.95 47.08
C LEU K 144 54.21 5.02 47.58
N ASP K 145 54.93 3.90 47.57
CA ASP K 145 56.33 3.90 47.99
C ASP K 145 57.26 4.50 46.97
N VAL K 146 56.79 4.76 45.75
CA VAL K 146 57.60 5.31 44.67
C VAL K 146 57.27 6.79 44.53
N THR K 147 58.30 7.63 44.51
CA THR K 147 58.14 9.07 44.39
C THR K 147 58.40 9.50 42.95
N LEU K 148 57.45 10.23 42.36
CA LEU K 148 57.56 10.66 40.97
C LEU K 148 58.21 12.03 40.82
N ALA K 149 58.49 12.74 41.92
CA ALA K 149 59.12 14.05 41.82
C ALA K 149 60.52 13.94 41.24
N GLN K 150 61.30 12.97 41.72
CA GLN K 150 62.66 12.78 41.21
C GLN K 150 62.65 12.36 39.75
N LEU K 151 61.73 11.47 39.37
CA LEU K 151 61.62 11.06 37.99
C LEU K 151 61.23 12.22 37.08
N TYR K 152 60.28 13.05 37.54
CA TYR K 152 59.90 14.22 36.75
C TYR K 152 61.06 15.19 36.60
N HIS K 153 61.81 15.42 37.67
CA HIS K 153 62.96 16.32 37.60
C HIS K 153 64.02 15.79 36.64
N HIS K 154 64.30 14.48 36.71
CA HIS K 154 65.28 13.88 35.82
C HIS K 154 64.83 13.96 34.37
N TRP K 155 63.56 13.69 34.10
CA TRP K 155 63.04 13.76 32.74
C TRP K 155 63.09 15.18 32.21
N GLY K 156 62.75 16.16 33.04
CA GLY K 156 62.86 17.55 32.62
C GLY K 156 64.29 17.97 32.35
N SER K 157 65.22 17.47 33.16
CA SER K 157 66.63 17.78 32.94
C SER K 157 67.14 17.18 31.64
N VAL K 158 66.74 15.94 31.33
CA VAL K 158 67.25 15.30 30.13
C VAL K 158 66.49 15.75 28.89
N ASP K 159 65.20 16.06 29.01
CA ASP K 159 64.40 16.51 27.87
C ASP K 159 63.42 17.57 28.34
N SER K 160 63.42 18.72 27.66
CA SER K 160 62.52 19.80 28.01
C SER K 160 61.10 19.58 27.49
N HIS K 161 60.91 18.68 26.53
CA HIS K 161 59.58 18.45 25.99
C HIS K 161 58.66 17.84 27.05
N PHE K 162 59.16 16.90 27.85
CA PHE K 162 58.35 16.34 28.92
C PHE K 162 57.95 17.41 29.93
N GLN K 163 58.89 18.30 30.27
CA GLN K 163 58.58 19.40 31.18
C GLN K 163 57.51 20.31 30.58
N GLU K 164 57.60 20.57 29.28
CA GLU K 164 56.55 21.36 28.62
C GLU K 164 55.20 20.66 28.71
N VAL K 165 55.18 19.34 28.49
CA VAL K 165 53.96 18.59 28.65
C VAL K 165 53.54 18.55 30.12
N ALA K 166 54.49 18.32 31.02
CA ALA K 166 54.22 18.26 32.45
C ALA K 166 54.08 19.62 33.09
N GLN K 167 54.00 20.69 32.30
CA GLN K 167 53.78 22.02 32.86
C GLN K 167 52.44 22.09 33.58
N LYS K 168 51.39 21.50 32.99
CA LYS K 168 50.09 21.41 33.63
C LYS K 168 49.74 20.00 34.09
N PHE K 169 50.55 18.99 33.75
CA PHE K 169 50.33 17.62 34.17
C PHE K 169 51.35 17.27 35.26
N GLN K 170 50.84 16.90 36.43
CA GLN K 170 51.71 16.55 37.56
C GLN K 170 50.94 15.56 38.44
N GLY K 171 51.28 14.27 38.30
CA GLY K 171 50.63 13.25 39.10
C GLY K 171 49.98 12.15 38.31
N VAL K 172 50.45 11.93 37.08
CA VAL K 172 49.97 10.80 36.28
C VAL K 172 50.74 9.56 36.69
N ARG K 173 50.20 8.82 37.65
CA ARG K 173 50.90 7.69 38.26
C ARG K 173 50.52 6.40 37.53
N LEU K 174 50.97 5.26 38.06
CA LEU K 174 50.69 3.96 37.49
C LEU K 174 50.16 3.03 38.57
N LEU K 175 49.41 2.02 38.14
CA LEU K 175 48.78 1.07 39.05
C LEU K 175 49.52 -0.26 39.04
N ARG K 176 49.21 -1.09 40.04
CA ARG K 176 49.74 -2.44 40.16
C ARG K 176 48.53 -3.37 40.38
N GLN K 177 47.91 -3.79 39.29
CA GLN K 177 46.69 -4.57 39.34
C GLN K 177 46.99 -6.06 39.53
N ASP K 178 45.95 -6.81 39.87
CA ASP K 178 46.08 -8.26 39.94
C ASP K 178 46.36 -8.81 38.54
N PRO K 179 47.32 -9.72 38.39
CA PRO K 179 47.67 -10.20 37.04
C PRO K 179 46.50 -10.80 36.29
N ILE K 180 45.66 -11.59 36.97
CA ILE K 180 44.49 -12.17 36.31
C ILE K 180 43.50 -11.07 35.91
N GLU K 181 43.20 -10.16 36.84
CA GLU K 181 42.25 -9.10 36.57
C GLU K 181 42.75 -8.20 35.45
N CYS K 182 44.01 -7.78 35.52
CA CYS K 182 44.58 -6.93 34.48
C CYS K 182 44.61 -7.63 33.14
N LEU K 183 45.00 -8.91 33.13
CA LEU K 183 45.07 -9.65 31.87
C LEU K 183 43.70 -9.78 31.22
N PHE K 184 42.70 -10.20 31.99
CA PHE K 184 41.37 -10.35 31.42
C PHE K 184 40.70 -9.01 31.11
N SER K 185 41.14 -7.93 31.74
CA SER K 185 40.62 -6.61 31.39
C SER K 185 41.24 -6.10 30.09
N PHE K 186 42.53 -6.37 29.87
CA PHE K 186 43.21 -5.89 28.67
C PHE K 186 43.13 -6.85 27.50
N ILE K 187 42.58 -8.05 27.69
CA ILE K 187 42.37 -8.95 26.55
C ILE K 187 41.41 -8.34 25.55
N CYS K 188 40.30 -7.76 26.05
CA CYS K 188 39.31 -7.12 25.21
C CYS K 188 39.55 -5.63 25.05
N SER K 189 40.80 -5.18 25.16
CA SER K 189 41.14 -3.77 25.05
C SER K 189 41.90 -3.45 23.76
N SER K 190 41.71 -4.25 22.72
CA SER K 190 42.43 -4.08 21.46
C SER K 190 41.50 -3.49 20.41
N ASN K 191 41.91 -2.37 19.82
CA ASN K 191 41.18 -1.72 18.73
C ASN K 191 39.75 -1.36 19.14
N ASN K 192 39.64 -0.54 20.18
CA ASN K 192 38.36 -0.09 20.69
C ASN K 192 38.58 1.19 21.49
N ASN K 193 37.48 1.93 21.67
CA ASN K 193 37.51 3.11 22.52
C ASN K 193 37.44 2.71 23.99
N ILE K 194 37.85 3.64 24.86
CA ILE K 194 37.94 3.35 26.29
C ILE K 194 36.56 3.04 26.86
N ALA K 195 35.55 3.83 26.47
CA ALA K 195 34.21 3.60 27.00
C ALA K 195 33.66 2.24 26.60
N ARG K 196 33.90 1.83 25.35
CA ARG K 196 33.42 0.53 24.90
C ARG K 196 34.07 -0.60 25.69
N ILE K 197 35.39 -0.50 25.92
CA ILE K 197 36.10 -1.53 26.68
C ILE K 197 35.61 -1.55 28.13
N THR K 198 35.39 -0.39 28.72
CA THR K 198 34.91 -0.33 30.09
C THR K 198 33.52 -0.96 30.22
N GLY K 199 32.62 -0.65 29.28
CA GLY K 199 31.32 -1.28 29.29
C GLY K 199 31.39 -2.79 29.06
N MET K 200 32.30 -3.22 28.18
CA MET K 200 32.50 -4.64 27.95
C MET K 200 32.94 -5.36 29.22
N VAL K 201 33.90 -4.76 29.94
CA VAL K 201 34.39 -5.37 31.17
C VAL K 201 33.30 -5.38 32.23
N GLU K 202 32.51 -4.30 32.32
CA GLU K 202 31.42 -4.27 33.28
C GLU K 202 30.39 -5.36 32.98
N ARG K 203 30.04 -5.54 31.71
CA ARG K 203 29.08 -6.57 31.35
C ARG K 203 29.64 -7.96 31.62
N LEU K 204 30.93 -8.18 31.33
CA LEU K 204 31.54 -9.47 31.63
C LEU K 204 31.53 -9.76 33.12
N CYS K 205 31.85 -8.74 33.94
CA CYS K 205 31.81 -8.92 35.39
C CYS K 205 30.41 -9.21 35.87
N GLN K 206 29.40 -8.55 35.28
CA GLN K 206 28.02 -8.84 35.64
C GLN K 206 27.63 -10.27 35.27
N ALA K 207 28.10 -10.75 34.11
CA ALA K 207 27.70 -12.07 33.65
C ALA K 207 28.38 -13.17 34.44
N PHE K 208 29.67 -13.04 34.72
CA PHE K 208 30.46 -14.12 35.32
C PHE K 208 31.03 -13.77 36.68
N GLY K 209 30.55 -12.72 37.33
CA GLY K 209 31.06 -12.34 38.63
C GLY K 209 30.03 -12.42 39.72
N PRO K 210 30.45 -12.84 40.92
CA PRO K 210 29.52 -12.91 42.07
C PRO K 210 29.13 -11.51 42.50
N ARG K 211 27.82 -11.23 42.45
CA ARG K 211 27.31 -9.92 42.79
C ARG K 211 27.51 -9.63 44.28
N LEU K 212 27.69 -8.34 44.60
CA LEU K 212 27.86 -7.88 45.97
C LEU K 212 26.66 -7.07 46.46
N ILE K 213 26.31 -6.00 45.74
CA ILE K 213 25.16 -5.18 46.11
C ILE K 213 24.82 -4.31 44.90
N GLN K 214 23.55 -3.90 44.82
CA GLN K 214 23.09 -2.99 43.78
C GLN K 214 23.22 -1.57 44.30
N LEU K 215 24.09 -0.77 43.68
CA LEU K 215 24.36 0.58 44.15
C LEU K 215 23.44 1.60 43.49
N ASP K 216 22.14 1.33 43.54
CA ASP K 216 21.08 2.25 43.15
C ASP K 216 21.04 2.50 41.65
N ASP K 217 22.05 2.05 40.92
CA ASP K 217 22.01 2.14 39.46
C ASP K 217 22.33 0.83 38.78
N VAL K 218 23.29 0.07 39.30
CA VAL K 218 23.76 -1.16 38.67
C VAL K 218 24.48 -1.98 39.73
N THR K 219 24.26 -3.29 39.70
CA THR K 219 24.89 -4.18 40.67
C THR K 219 26.41 -4.19 40.49
N TYR K 220 27.12 -4.35 41.60
CA TYR K 220 28.57 -4.46 41.60
C TYR K 220 28.96 -5.89 41.98
N HIS K 221 29.90 -6.46 41.23
CA HIS K 221 30.28 -7.85 41.38
C HIS K 221 31.79 -7.96 41.41
N GLY K 222 32.28 -9.04 42.01
CA GLY K 222 33.69 -9.34 41.96
C GLY K 222 34.13 -9.79 40.58
N PHE K 223 35.44 -9.78 40.38
CA PHE K 223 35.98 -10.17 39.08
C PHE K 223 35.68 -11.65 38.83
N PRO K 224 35.35 -12.03 37.59
CA PRO K 224 35.01 -13.42 37.31
C PRO K 224 36.16 -14.37 37.66
N SER K 225 35.80 -15.53 38.20
CA SER K 225 36.78 -16.51 38.60
C SER K 225 37.42 -17.17 37.38
N LEU K 226 38.66 -17.64 37.57
CA LEU K 226 39.38 -18.25 36.45
C LEU K 226 38.78 -19.60 36.06
N GLN K 227 38.14 -20.30 37.00
CA GLN K 227 37.53 -21.59 36.67
C GLN K 227 36.30 -21.42 35.80
N ALA K 228 35.57 -20.32 35.95
CA ALA K 228 34.35 -20.10 35.18
C ALA K 228 34.62 -19.59 33.77
N LEU K 229 35.85 -19.19 33.45
CA LEU K 229 36.19 -18.69 32.14
C LEU K 229 36.89 -19.72 31.26
N ALA K 230 37.34 -20.83 31.84
CA ALA K 230 38.03 -21.87 31.10
C ALA K 230 37.10 -22.97 30.63
N GLY K 231 35.79 -22.84 30.85
CA GLY K 231 34.85 -23.84 30.44
C GLY K 231 34.46 -23.72 28.99
N PRO K 232 33.71 -24.70 28.50
CA PRO K 232 33.23 -24.65 27.12
C PRO K 232 32.06 -23.69 26.96
N GLU K 233 31.77 -23.36 25.70
CA GLU K 233 30.67 -22.50 25.29
C GLU K 233 30.81 -21.08 25.80
N VAL K 234 31.94 -20.74 26.41
CA VAL K 234 32.14 -19.39 26.93
C VAL K 234 32.24 -18.38 25.79
N GLU K 235 32.85 -18.78 24.68
CA GLU K 235 33.06 -17.87 23.56
C GLU K 235 31.73 -17.40 22.98
N ALA K 236 30.83 -18.35 22.71
CA ALA K 236 29.52 -17.98 22.15
C ALA K 236 28.70 -17.17 23.14
N HIS K 237 28.78 -17.52 24.43
CA HIS K 237 28.04 -16.78 25.44
C HIS K 237 28.51 -15.34 25.53
N LEU K 238 29.83 -15.11 25.45
CA LEU K 238 30.33 -13.75 25.51
C LEU K 238 30.10 -13.00 24.21
N ARG K 239 30.09 -13.70 23.07
CA ARG K 239 29.73 -13.05 21.82
C ARG K 239 28.26 -12.63 21.81
N LYS K 240 27.41 -13.39 22.49
CA LYS K 240 26.03 -12.95 22.68
C LYS K 240 25.98 -11.66 23.47
N LEU K 241 26.85 -11.53 24.48
CA LEU K 241 26.96 -10.27 25.23
C LEU K 241 27.44 -9.12 24.36
N GLY K 242 28.22 -9.41 23.30
CA GLY K 242 28.65 -8.39 22.38
C GLY K 242 30.14 -8.09 22.42
N LEU K 243 30.94 -9.09 22.80
CA LEU K 243 32.39 -8.90 22.89
C LEU K 243 33.09 -9.01 21.56
N GLY K 244 32.43 -9.53 20.52
CA GLY K 244 33.10 -9.70 19.25
C GLY K 244 34.15 -10.82 19.29
N TYR K 245 35.06 -10.75 18.32
CA TYR K 245 36.09 -11.78 18.21
C TYR K 245 36.95 -11.85 19.47
N ARG K 246 37.09 -10.74 20.18
CA ARG K 246 37.88 -10.74 21.41
C ARG K 246 37.34 -11.73 22.43
N ALA K 247 36.04 -12.05 22.36
CA ALA K 247 35.48 -13.07 23.23
C ALA K 247 36.23 -14.39 23.08
N ARG K 248 36.51 -14.79 21.85
CA ARG K 248 37.33 -15.98 21.63
C ARG K 248 38.71 -15.79 22.23
N TYR K 249 39.28 -14.59 22.07
CA TYR K 249 40.57 -14.29 22.68
C TYR K 249 40.53 -14.43 24.20
N VAL K 250 39.35 -14.31 24.80
CA VAL K 250 39.22 -14.61 26.22
C VAL K 250 39.38 -16.10 26.47
N SER K 251 38.64 -16.93 25.71
CA SER K 251 38.63 -18.36 25.98
C SER K 251 40.01 -18.97 25.78
N ALA K 252 40.65 -18.67 24.66
CA ALA K 252 41.99 -19.16 24.40
C ALA K 252 43.00 -18.63 25.41
N SER K 253 42.67 -17.55 26.12
CA SER K 253 43.54 -17.01 27.16
C SER K 253 43.12 -17.44 28.56
N ALA K 254 42.16 -18.35 28.68
CA ALA K 254 41.74 -18.86 29.97
C ALA K 254 42.08 -20.34 30.14
N ARG K 255 41.60 -21.20 29.24
CA ARG K 255 41.85 -22.63 29.36
C ARG K 255 43.34 -22.92 29.32
N ALA K 256 44.07 -22.27 28.41
CA ALA K 256 45.51 -22.48 28.31
C ALA K 256 46.22 -22.12 29.62
N ILE K 257 45.62 -21.26 30.46
CA ILE K 257 46.23 -20.97 31.75
C ILE K 257 46.25 -22.22 32.62
N LEU K 258 45.15 -22.96 32.64
CA LEU K 258 45.02 -24.12 33.51
C LEU K 258 45.28 -25.44 32.79
N GLU K 259 45.08 -25.50 31.48
CA GLU K 259 45.25 -26.74 30.73
C GLU K 259 46.54 -26.80 29.93
N GLU K 260 47.22 -25.66 29.72
CA GLU K 260 48.43 -25.64 28.90
C GLU K 260 49.59 -24.87 29.49
N GLN K 261 49.40 -24.11 30.57
CA GLN K 261 50.48 -23.34 31.16
C GLN K 261 50.86 -23.76 32.57
N GLY K 262 49.93 -24.34 33.33
CA GLY K 262 50.26 -24.80 34.67
C GLY K 262 49.44 -24.13 35.76
N GLY K 263 48.28 -23.59 35.40
CA GLY K 263 47.41 -22.98 36.38
C GLY K 263 47.82 -21.59 36.78
N LEU K 264 47.24 -21.15 37.91
CA LEU K 264 47.50 -19.81 38.43
C LEU K 264 48.93 -19.67 38.94
N ALA K 265 49.54 -20.77 39.38
CA ALA K 265 50.89 -20.71 39.92
C ALA K 265 51.89 -20.25 38.87
N TRP K 266 51.77 -20.75 37.64
CA TRP K 266 52.68 -20.34 36.57
C TRP K 266 52.55 -18.85 36.29
N LEU K 267 51.31 -18.35 36.24
CA LEU K 267 51.10 -16.92 35.99
C LEU K 267 51.67 -16.08 37.13
N GLN K 268 51.44 -16.49 38.37
CA GLN K 268 51.91 -15.72 39.52
C GLN K 268 53.43 -15.78 39.69
N GLN K 269 54.07 -16.83 39.19
CA GLN K 269 55.52 -16.95 39.33
C GLN K 269 56.28 -15.96 38.46
N LEU K 270 55.60 -15.28 37.54
CA LEU K 270 56.26 -14.32 36.65
C LEU K 270 56.42 -12.94 37.27
N ARG K 271 55.88 -12.71 38.47
CA ARG K 271 56.05 -11.42 39.13
C ARG K 271 57.50 -11.18 39.54
N GLU K 272 58.27 -12.24 39.80
CA GLU K 272 59.68 -12.11 40.15
C GLU K 272 60.59 -12.68 39.07
N SER K 273 60.06 -12.97 37.89
CA SER K 273 60.86 -13.51 36.80
C SER K 273 61.53 -12.37 36.02
N SER K 274 62.36 -12.75 35.04
CA SER K 274 63.04 -11.77 34.22
C SER K 274 62.06 -11.11 33.25
N TYR K 275 62.48 -9.95 32.72
CA TYR K 275 61.60 -9.16 31.87
C TYR K 275 61.28 -9.89 30.57
N GLU K 276 62.31 -10.36 29.86
CA GLU K 276 62.10 -10.96 28.55
C GLU K 276 61.36 -12.30 28.65
N GLU K 277 61.73 -13.13 29.63
CA GLU K 277 61.07 -14.41 29.79
C GLU K 277 59.59 -14.23 30.12
N ALA K 278 59.28 -13.31 31.03
CA ALA K 278 57.89 -13.05 31.37
C ALA K 278 57.12 -12.48 30.19
N HIS K 279 57.74 -11.58 29.42
CA HIS K 279 57.08 -11.02 28.26
C HIS K 279 56.78 -12.08 27.22
N LYS K 280 57.75 -12.97 26.97
CA LYS K 280 57.53 -14.05 26.02
C LYS K 280 56.45 -15.01 26.51
N ALA K 281 56.45 -15.34 27.80
CA ALA K 281 55.44 -16.24 28.34
C ALA K 281 54.05 -15.63 28.21
N LEU K 282 53.92 -14.32 28.46
CA LEU K 282 52.63 -13.66 28.26
C LEU K 282 52.24 -13.67 26.79
N CYS K 283 53.21 -13.42 25.90
CA CYS K 283 52.92 -13.42 24.47
C CYS K 283 52.54 -14.79 23.93
N ILE K 284 52.94 -15.86 24.64
CA ILE K 284 52.57 -17.21 24.21
C ILE K 284 51.05 -17.38 24.21
N LEU K 285 50.39 -16.80 25.21
CA LEU K 285 48.94 -16.92 25.30
C LEU K 285 48.29 -16.27 24.09
N PRO K 286 47.30 -16.92 23.46
CA PRO K 286 46.67 -16.34 22.27
C PRO K 286 45.98 -15.02 22.57
N GLY K 287 46.06 -14.10 21.61
CA GLY K 287 45.44 -12.80 21.75
C GLY K 287 46.23 -11.80 22.57
N VAL K 288 47.39 -12.17 23.07
CA VAL K 288 48.21 -11.28 23.90
C VAL K 288 49.34 -10.79 23.02
N GLY K 289 49.14 -9.62 22.41
CA GLY K 289 50.16 -8.97 21.62
C GLY K 289 51.20 -8.27 22.48
N THR K 290 52.13 -7.60 21.81
CA THR K 290 53.22 -6.94 22.51
C THR K 290 52.73 -5.81 23.40
N GLN K 291 51.75 -5.04 22.93
CA GLN K 291 51.28 -3.89 23.68
C GLN K 291 50.59 -4.33 24.98
N VAL K 292 49.66 -5.27 24.89
CA VAL K 292 48.97 -5.73 26.09
C VAL K 292 49.94 -6.47 27.03
N ALA K 293 50.91 -7.20 26.47
CA ALA K 293 51.90 -7.85 27.32
C ALA K 293 52.72 -6.83 28.09
N ASP K 294 53.14 -5.75 27.43
CA ASP K 294 53.87 -4.69 28.13
C ASP K 294 53.00 -4.02 29.17
N CYS K 295 51.72 -3.80 28.86
CA CYS K 295 50.81 -3.19 29.83
C CYS K 295 50.64 -4.08 31.06
N ILE K 296 50.51 -5.40 30.84
CA ILE K 296 50.37 -6.32 31.97
C ILE K 296 51.65 -6.35 32.79
N CYS K 297 52.81 -6.36 32.14
CA CYS K 297 54.06 -6.37 32.87
C CYS K 297 54.22 -5.09 33.70
N LEU K 298 53.81 -3.95 33.14
CA LEU K 298 53.99 -2.68 33.84
C LEU K 298 52.99 -2.54 34.99
N MET K 299 51.73 -2.91 34.78
CA MET K 299 50.67 -2.66 35.74
C MET K 299 50.21 -3.91 36.49
N ALA K 300 50.81 -5.07 36.23
CA ALA K 300 50.46 -6.26 36.99
C ALA K 300 51.67 -7.10 37.40
N LEU K 301 52.86 -6.87 36.84
CA LEU K 301 54.05 -7.62 37.18
C LEU K 301 55.17 -6.75 37.71
N ASP K 302 54.94 -5.45 37.89
CA ASP K 302 55.95 -4.52 38.41
C ASP K 302 57.20 -4.53 37.53
N LYS K 303 57.00 -4.12 36.27
CA LYS K 303 58.07 -4.03 35.27
C LYS K 303 58.11 -2.62 34.71
N PRO K 304 58.81 -1.70 35.37
CA PRO K 304 58.87 -0.32 34.86
C PRO K 304 59.55 -0.21 33.50
N GLN K 305 60.36 -1.18 33.11
CA GLN K 305 61.02 -1.14 31.81
C GLN K 305 60.07 -1.34 30.65
N ALA K 306 58.83 -1.77 30.91
CA ALA K 306 57.85 -2.00 29.86
C ALA K 306 57.21 -0.66 29.47
N VAL K 307 57.34 -0.29 28.20
CA VAL K 307 56.77 0.95 27.69
C VAL K 307 55.75 0.62 26.62
N PRO K 308 54.45 0.76 26.91
CA PRO K 308 53.44 0.49 25.88
C PRO K 308 53.61 1.40 24.67
N VAL K 309 53.39 0.82 23.49
CA VAL K 309 53.51 1.53 22.22
C VAL K 309 52.24 1.27 21.41
N ASP K 310 51.64 2.32 20.88
CA ASP K 310 50.35 2.21 20.22
C ASP K 310 50.18 3.38 19.26
N VAL K 311 48.94 3.57 18.78
CA VAL K 311 48.66 4.63 17.83
C VAL K 311 48.83 6.00 18.47
N HIS K 312 48.35 6.17 19.71
CA HIS K 312 48.53 7.45 20.39
C HIS K 312 50.01 7.74 20.62
N MET K 313 50.76 6.74 21.08
CA MET K 313 52.20 6.93 21.27
C MET K 313 52.90 7.22 19.94
N TRP K 314 52.51 6.51 18.88
CA TRP K 314 53.13 6.73 17.59
C TRP K 314 52.84 8.13 17.07
N HIS K 315 51.60 8.60 17.24
CA HIS K 315 51.26 9.96 16.85
C HIS K 315 52.05 10.98 17.64
N ILE K 316 52.19 10.76 18.95
CA ILE K 316 52.98 11.68 19.77
C ILE K 316 54.43 11.71 19.29
N ALA K 317 55.00 10.54 19.01
CA ALA K 317 56.39 10.48 18.55
C ALA K 317 56.56 11.19 17.21
N GLN K 318 55.62 10.99 16.29
CA GLN K 318 55.76 11.58 14.96
C GLN K 318 55.37 13.05 14.92
N ARG K 319 54.67 13.57 15.94
CA ARG K 319 54.27 14.96 15.93
C ARG K 319 55.11 15.83 16.86
N ASP K 320 55.77 15.26 17.85
CA ASP K 320 56.55 16.06 18.79
C ASP K 320 58.00 15.63 18.89
N TYR K 321 58.28 14.32 18.85
CA TYR K 321 59.64 13.82 18.94
C TYR K 321 60.27 13.56 17.58
N SER K 322 59.47 13.47 16.52
CA SER K 322 59.96 13.28 15.15
C SER K 322 60.81 12.03 15.02
N TRP K 323 60.52 11.01 15.84
CA TRP K 323 61.25 9.76 15.78
C TRP K 323 60.73 8.92 14.62
N HIS K 324 61.65 8.24 13.94
CA HIS K 324 61.29 7.40 12.80
C HIS K 324 61.95 6.04 12.93
N PRO K 325 61.32 4.99 12.40
CA PRO K 325 61.94 3.66 12.45
C PRO K 325 63.17 3.59 11.56
N THR K 326 64.35 3.47 12.17
CA THR K 326 65.58 3.43 11.40
C THR K 326 65.85 2.03 10.85
N THR K 327 65.97 1.04 11.74
CA THR K 327 66.18 -0.34 11.29
C THR K 327 64.97 -0.86 10.52
N SER K 328 63.76 -0.58 11.02
CA SER K 328 62.56 -1.00 10.33
C SER K 328 62.38 -0.22 9.02
N GLN K 329 61.80 -0.89 8.03
CA GLN K 329 61.62 -0.33 6.70
C GLN K 329 60.22 0.21 6.47
N ALA K 330 59.41 0.34 7.52
CA ALA K 330 58.04 0.83 7.38
C ALA K 330 57.68 1.66 8.61
N LYS K 331 56.43 2.12 8.65
CA LYS K 331 55.92 2.93 9.74
C LYS K 331 54.59 2.40 10.24
N GLY K 332 54.34 1.10 10.07
CA GLY K 332 53.12 0.48 10.55
C GLY K 332 53.36 -0.35 11.79
N PRO K 333 52.29 -0.68 12.52
CA PRO K 333 52.43 -1.47 13.75
C PRO K 333 53.05 -2.84 13.50
N SER K 334 54.26 -3.04 14.01
CA SER K 334 54.98 -4.30 13.85
C SER K 334 55.82 -4.52 15.10
N PRO K 335 56.09 -5.78 15.47
CA PRO K 335 56.91 -6.03 16.66
C PRO K 335 58.29 -5.38 16.61
N GLN K 336 58.91 -5.33 15.42
CA GLN K 336 60.21 -4.69 15.30
C GLN K 336 60.12 -3.19 15.60
N THR K 337 59.09 -2.53 15.09
CA THR K 337 58.91 -1.11 15.38
C THR K 337 58.63 -0.88 16.86
N ASN K 338 57.85 -1.76 17.48
CA ASN K 338 57.58 -1.65 18.91
C ASN K 338 58.87 -1.79 19.72
N LYS K 339 59.71 -2.76 19.36
CA LYS K 339 60.96 -2.96 20.07
C LYS K 339 61.90 -1.76 19.88
N GLU K 340 61.96 -1.22 18.65
CA GLU K 340 62.79 -0.05 18.42
C GLU K 340 62.31 1.15 19.22
N LEU K 341 60.99 1.36 19.27
CA LEU K 341 60.46 2.48 20.05
C LEU K 341 60.72 2.30 21.54
N GLY K 342 60.58 1.06 22.03
CA GLY K 342 60.89 0.81 23.43
C GLY K 342 62.35 1.05 23.77
N ASN K 343 63.25 0.60 22.89
CA ASN K 343 64.67 0.84 23.11
C ASN K 343 64.98 2.33 23.08
N PHE K 344 64.38 3.06 22.14
CA PHE K 344 64.60 4.51 22.08
C PHE K 344 64.11 5.20 23.34
N PHE K 345 62.92 4.83 23.83
CA PHE K 345 62.40 5.45 25.04
C PHE K 345 63.26 5.12 26.25
N ARG K 346 63.71 3.87 26.36
CA ARG K 346 64.56 3.50 27.48
C ARG K 346 65.90 4.23 27.44
N SER K 347 66.46 4.39 26.24
CA SER K 347 67.71 5.13 26.12
C SER K 347 67.54 6.60 26.45
N LEU K 348 66.43 7.21 26.00
CA LEU K 348 66.24 8.63 26.19
C LEU K 348 65.85 8.99 27.62
N TRP K 349 65.07 8.13 28.27
CA TRP K 349 64.55 8.41 29.61
C TRP K 349 65.19 7.54 30.68
N GLY K 350 65.14 6.23 30.54
CA GLY K 350 65.72 5.34 31.51
C GLY K 350 64.90 4.09 31.72
N PRO K 351 65.11 3.42 32.88
CA PRO K 351 64.36 2.19 33.15
C PRO K 351 62.93 2.43 33.56
N TYR K 352 62.59 3.63 34.02
CA TYR K 352 61.24 3.97 34.44
C TYR K 352 60.50 4.77 33.38
N ALA K 353 60.80 4.54 32.10
CA ALA K 353 60.17 5.30 31.02
C ALA K 353 58.68 5.00 30.88
N GLY K 354 58.20 3.92 31.50
CA GLY K 354 56.78 3.60 31.41
C GLY K 354 55.91 4.67 32.05
N TRP K 355 56.39 5.26 33.15
CA TRP K 355 55.64 6.33 33.79
C TRP K 355 55.53 7.55 32.88
N ALA K 356 56.63 7.91 32.20
CA ALA K 356 56.56 9.02 31.24
C ALA K 356 55.66 8.68 30.07
N GLN K 357 55.66 7.42 29.63
CA GLN K 357 54.76 7.00 28.56
C GLN K 357 53.30 7.17 29.00
N ALA K 358 53.00 6.79 30.25
CA ALA K 358 51.64 6.97 30.77
C ALA K 358 51.28 8.44 30.87
N VAL K 359 52.24 9.28 31.27
CA VAL K 359 52.00 10.72 31.34
C VAL K 359 51.64 11.26 29.95
N LEU K 360 52.40 10.85 28.94
CA LEU K 360 52.13 11.30 27.58
C LEU K 360 50.78 10.79 27.09
N PHE K 361 50.45 9.54 27.40
CA PHE K 361 49.16 8.98 26.98
C PHE K 361 48.00 9.73 27.62
N SER K 362 48.10 10.03 28.91
CA SER K 362 47.07 10.81 29.57
C SER K 362 46.97 12.21 28.98
N ALA K 363 48.12 12.83 28.68
CA ALA K 363 48.11 14.14 28.06
C ALA K 363 47.50 14.08 26.66
N ASP K 364 47.78 13.02 25.92
CA ASP K 364 47.24 12.88 24.57
C ASP K 364 45.71 12.79 24.59
N LEU K 365 45.16 12.05 25.54
CA LEU K 365 43.71 11.92 25.63
C LEU K 365 43.05 13.27 25.94
N ARG K 366 43.62 14.03 26.85
CA ARG K 366 43.07 15.33 27.24
C ARG K 366 43.61 16.45 26.37
N GLN K 367 43.46 16.31 25.06
CA GLN K 367 43.94 17.30 24.10
C GLN K 367 43.16 17.22 22.80
#